data_4P1T
#
_entry.id   4P1T
#
_cell.length_a   99.794
_cell.length_b   129.336
_cell.length_c   64.065
_cell.angle_alpha   90.00
_cell.angle_beta   90.00
_cell.angle_gamma   90.00
#
_symmetry.space_group_name_H-M   'P 21 21 2'
#
loop_
_entity.id
_entity.type
_entity.pdbx_description
1 polymer 'Erythrocyte membrane protein 1'
2 water water
#
_entity_poly.entity_id   1
_entity_poly.type   'polypeptide(L)'
_entity_poly.pdbx_seq_one_letter_code
;MASMSETSCDLQATNYIRGCQSKTYDGKIFPGKGGEKQWICKDTIIHGDTNGACIPPRTQNLCVGELWDKSYGGRSNIKQ
DTKELLKEKIKNAIHKETELLYEYHDTGTAIISKNDKKGQKGKNDPNGLPKGFCHAVQRSFIDYKNMILGTSVNIYEHIG
KLQEDIKKIIEKGTPQQKDKIGGVGSSTENVNAWWKGIEREMWDAVRCAITKINKKNNNGIFNGDECGVSPPTGNDEDQS
VSWFKEWGEQFCIERLRYEQNIREACTINGKNEKKCINSKSGQGDKIQGACKRKCEKYKKYISEKKQEWDKQKTKYENKY
VGKSASDLLKENYPECISANFDFIFNDNIEYKTYYPYGDYSSICSCEQVKYYKYNNAEKKNNKLLCYEKDNDMTWSKKYI
KKLENGRSLEGVYVPPRRQQLCLYELFPIIIKNEEGMEKAKEELLETLQIVAEREAYYLWKQYNPTGKGIDDANKKACCA
IRGSFYDLEDIIKGNDLVHDEYTKYIDSKLNEIFGSSDTNDIDTKRARTDWWENEAITNGPDRKTIRQLVWDAMQSGVRY
AVEEKNENFPLCMGVEHIGIAKPQFIRWLEEWTNEFCEKYTKYFEDMKSKCDPPKRADTCGDNSNIECKKACANYANWLN
PKRIEWNGMSNYYNKIYRKSNKESEGGKDYSMIMAPTVIDYLNKRCHGEINGNYICCSCKNIGAYQTTSGTVNKKLQKKE
TECEEEKGPLDLMNEVLNKMHHHHHH
;
_entity_poly.pdbx_strand_id   A
#
# COMPACT_ATOMS: atom_id res chain seq x y z
N SER A 8 42.07 -5.57 7.05
CA SER A 8 42.67 -6.81 7.55
C SER A 8 42.44 -8.03 6.61
N CYS A 9 42.12 -7.76 5.31
CA CYS A 9 41.85 -8.79 4.31
C CYS A 9 42.94 -8.89 3.22
N ASP A 10 43.41 -10.12 2.96
CA ASP A 10 44.42 -10.43 1.96
C ASP A 10 43.77 -11.01 0.69
N LEU A 11 42.42 -10.97 0.62
CA LEU A 11 41.63 -11.47 -0.51
C LEU A 11 41.86 -10.65 -1.78
N GLN A 12 41.83 -11.34 -2.94
CA GLN A 12 42.05 -10.80 -4.29
C GLN A 12 41.30 -9.48 -4.56
N ALA A 13 42.05 -8.35 -4.52
CA ALA A 13 41.56 -6.98 -4.71
C ALA A 13 41.39 -6.61 -6.18
N THR A 14 42.51 -6.45 -6.94
CA THR A 14 42.49 -6.14 -8.37
C THR A 14 42.48 -7.50 -9.10
N ASN A 15 41.37 -8.22 -8.89
CA ASN A 15 41.11 -9.55 -9.38
C ASN A 15 40.29 -9.59 -10.64
N TYR A 16 40.57 -10.61 -11.47
CA TYR A 16 39.81 -10.91 -12.66
C TYR A 16 39.16 -12.27 -12.44
N ILE A 17 37.87 -12.28 -12.26
CA ILE A 17 37.16 -13.54 -12.09
C ILE A 17 36.64 -13.80 -13.49
N ARG A 18 36.91 -14.99 -14.02
CA ARG A 18 36.50 -15.40 -15.36
C ARG A 18 34.99 -15.21 -15.51
N GLY A 19 34.56 -14.74 -16.69
CA GLY A 19 33.15 -14.51 -16.99
C GLY A 19 32.46 -13.39 -16.24
N CYS A 20 33.13 -12.85 -15.18
CA CYS A 20 32.65 -11.77 -14.30
C CYS A 20 33.14 -10.41 -14.79
N GLN A 21 32.42 -9.81 -15.76
CA GLN A 21 32.73 -8.51 -16.37
C GLN A 21 31.72 -7.47 -15.88
N SER A 22 31.75 -6.23 -16.39
CA SER A 22 30.84 -5.17 -15.94
C SER A 22 29.36 -5.46 -16.20
N LYS A 23 28.48 -4.86 -15.38
CA LYS A 23 27.04 -5.12 -15.42
C LYS A 23 26.34 -4.48 -16.65
N THR A 24 25.23 -5.11 -17.09
CA THR A 24 24.43 -4.69 -18.26
C THR A 24 22.92 -4.91 -18.04
N TYR A 25 22.50 -5.34 -16.84
CA TYR A 25 21.11 -5.67 -16.58
C TYR A 25 20.16 -4.53 -16.79
N ASP A 26 20.59 -3.32 -16.43
CA ASP A 26 19.78 -2.12 -16.63
C ASP A 26 20.26 -1.40 -17.90
N GLY A 27 21.06 -2.10 -18.70
CA GLY A 27 21.65 -1.56 -19.91
C GLY A 27 23.14 -1.44 -19.73
N LYS A 28 23.88 -1.24 -20.81
CA LYS A 28 25.32 -1.15 -20.75
C LYS A 28 25.81 0.19 -20.20
N ILE A 29 27.03 0.23 -19.62
CA ILE A 29 27.57 1.49 -19.13
C ILE A 29 28.05 2.24 -20.38
N PHE A 30 27.73 3.54 -20.50
CA PHE A 30 28.15 4.36 -21.62
C PHE A 30 29.70 4.43 -21.64
N PRO A 31 30.41 4.41 -22.80
CA PRO A 31 29.96 4.41 -24.21
C PRO A 31 29.25 3.17 -24.78
N GLY A 32 29.04 2.15 -23.97
CA GLY A 32 28.29 0.99 -24.42
C GLY A 32 26.82 1.33 -24.53
N LYS A 33 26.03 0.45 -25.14
CA LYS A 33 24.61 0.69 -25.32
C LYS A 33 23.82 -0.61 -25.44
N GLY A 34 22.80 -0.76 -24.59
CA GLY A 34 21.88 -1.90 -24.62
C GLY A 34 22.15 -3.05 -23.67
N GLY A 35 21.81 -4.27 -24.09
CA GLY A 35 21.99 -5.49 -23.31
C GLY A 35 21.12 -5.59 -22.06
N GLU A 36 20.08 -4.75 -22.01
CA GLU A 36 19.16 -4.65 -20.90
C GLU A 36 18.45 -5.97 -20.71
N LYS A 37 18.53 -6.50 -19.49
CA LYS A 37 17.85 -7.74 -19.08
C LYS A 37 16.52 -7.24 -18.55
N GLN A 38 15.47 -8.07 -18.63
CA GLN A 38 14.12 -7.72 -18.23
C GLN A 38 13.65 -8.66 -17.15
N TRP A 39 12.67 -8.20 -16.36
CA TRP A 39 12.03 -8.98 -15.31
C TRP A 39 11.35 -10.18 -15.92
N ILE A 40 11.63 -11.39 -15.40
CA ILE A 40 10.91 -12.51 -16.00
C ILE A 40 10.11 -13.25 -14.89
N CYS A 41 8.78 -13.26 -15.12
CA CYS A 41 7.76 -13.71 -14.22
C CYS A 41 7.20 -15.04 -14.58
N LYS A 42 7.17 -15.38 -15.86
CA LYS A 42 6.65 -16.68 -16.32
C LYS A 42 7.70 -17.76 -16.19
N ASP A 43 7.26 -19.02 -16.27
CA ASP A 43 8.14 -20.20 -16.24
C ASP A 43 9.00 -20.26 -17.52
N THR A 44 10.25 -20.70 -17.41
CA THR A 44 11.17 -20.73 -18.56
C THR A 44 11.97 -22.00 -18.65
N ILE A 45 12.29 -22.43 -19.88
CA ILE A 45 13.11 -23.64 -20.09
C ILE A 45 14.48 -23.38 -19.41
N ILE A 46 14.95 -22.13 -19.48
CA ILE A 46 16.24 -21.71 -18.95
C ILE A 46 16.25 -21.64 -17.43
N HIS A 47 15.26 -20.95 -16.80
CA HIS A 47 15.22 -20.65 -15.35
C HIS A 47 14.29 -21.51 -14.46
N GLY A 48 13.26 -22.08 -15.04
CA GLY A 48 12.34 -22.94 -14.33
C GLY A 48 11.16 -22.22 -13.73
N ASP A 49 10.58 -22.80 -12.67
CA ASP A 49 9.42 -22.29 -11.97
C ASP A 49 9.79 -21.12 -11.12
N THR A 50 9.07 -20.01 -11.30
CA THR A 50 9.30 -18.79 -10.54
C THR A 50 8.35 -18.82 -9.34
N ASN A 51 7.13 -19.33 -9.59
CA ASN A 51 6.08 -19.51 -8.59
C ASN A 51 5.47 -18.20 -8.14
N GLY A 52 4.95 -17.46 -9.13
CA GLY A 52 4.30 -16.15 -8.94
C GLY A 52 5.27 -15.00 -8.80
N ALA A 53 6.58 -15.32 -8.63
CA ALA A 53 7.69 -14.41 -8.49
C ALA A 53 8.14 -13.95 -9.88
N CYS A 54 8.92 -12.83 -9.92
CA CYS A 54 9.57 -12.22 -11.09
C CYS A 54 11.04 -12.18 -10.75
N ILE A 55 11.89 -12.65 -11.66
CA ILE A 55 13.33 -12.67 -11.46
C ILE A 55 13.88 -11.30 -11.88
N PRO A 56 14.56 -10.61 -10.94
CA PRO A 56 15.12 -9.30 -11.26
C PRO A 56 16.30 -9.35 -12.24
N PRO A 57 16.46 -8.32 -13.10
CA PRO A 57 17.62 -8.30 -14.02
C PRO A 57 18.97 -8.34 -13.28
N ARG A 58 19.05 -7.70 -12.09
CA ARG A 58 20.26 -7.66 -11.25
C ARG A 58 20.71 -9.10 -10.93
N THR A 59 19.71 -9.98 -10.64
CA THR A 59 19.86 -11.40 -10.34
C THR A 59 20.49 -12.09 -11.54
N GLN A 60 19.82 -11.99 -12.71
CA GLN A 60 20.20 -12.61 -13.99
C GLN A 60 21.62 -12.30 -14.44
N ASN A 61 22.28 -11.34 -13.80
CA ASN A 61 23.65 -10.90 -14.11
C ASN A 61 24.60 -11.19 -12.93
N LEU A 62 24.29 -12.18 -12.07
CA LEU A 62 25.09 -12.44 -10.87
C LEU A 62 26.46 -12.98 -11.18
N CYS A 63 27.48 -12.39 -10.58
CA CYS A 63 28.87 -12.82 -10.77
C CYS A 63 29.10 -14.20 -10.12
N VAL A 64 29.03 -15.29 -10.92
CA VAL A 64 29.25 -16.66 -10.41
C VAL A 64 30.72 -17.07 -10.58
N GLY A 65 31.36 -16.45 -11.56
CA GLY A 65 32.76 -16.62 -11.89
C GLY A 65 33.31 -18.03 -11.99
N GLU A 66 34.25 -18.35 -11.09
CA GLU A 66 34.97 -19.63 -11.07
C GLU A 66 34.15 -20.81 -10.54
N LEU A 67 32.99 -20.53 -9.94
CA LEU A 67 32.12 -21.61 -9.44
C LEU A 67 31.38 -22.35 -10.56
N TRP A 68 31.12 -21.67 -11.70
CA TRP A 68 30.35 -22.24 -12.81
C TRP A 68 30.78 -21.68 -14.14
N ASP A 69 30.67 -22.47 -15.19
CA ASP A 69 31.09 -22.09 -16.54
C ASP A 69 29.91 -22.15 -17.50
N LYS A 70 29.60 -21.01 -18.15
CA LYS A 70 28.47 -20.88 -19.09
C LYS A 70 28.73 -21.50 -20.50
N SER A 71 30.01 -21.87 -20.82
CA SER A 71 30.41 -22.47 -22.10
C SER A 71 29.63 -23.78 -22.42
N TYR A 72 28.88 -23.77 -23.56
CA TYR A 72 27.98 -24.84 -24.03
C TYR A 72 26.75 -24.88 -23.09
N GLY A 73 26.42 -26.04 -22.53
CA GLY A 73 25.31 -26.18 -21.60
C GLY A 73 25.54 -25.39 -20.31
N GLY A 74 26.73 -25.54 -19.76
CA GLY A 74 27.14 -24.88 -18.53
C GLY A 74 27.48 -25.91 -17.47
N ARG A 75 28.72 -25.85 -16.97
CA ARG A 75 29.14 -26.82 -15.96
C ARG A 75 29.95 -26.21 -14.83
N SER A 76 29.80 -26.79 -13.64
CA SER A 76 30.53 -26.36 -12.47
C SER A 76 31.98 -26.78 -12.58
N ASN A 77 32.87 -25.97 -12.02
CA ASN A 77 34.29 -26.26 -11.97
C ASN A 77 34.54 -26.92 -10.62
N ILE A 78 33.62 -26.67 -9.66
CA ILE A 78 33.59 -27.13 -8.28
C ILE A 78 33.74 -28.68 -8.07
N LYS A 79 33.54 -29.50 -9.13
CA LYS A 79 33.62 -30.97 -9.08
C LYS A 79 34.82 -31.47 -8.23
N GLN A 80 36.05 -31.07 -8.63
CA GLN A 80 37.32 -31.43 -7.97
C GLN A 80 37.77 -30.40 -6.90
N ASP A 81 36.85 -29.59 -6.39
CA ASP A 81 37.18 -28.59 -5.38
C ASP A 81 37.02 -29.17 -4.00
N THR A 82 37.68 -28.54 -3.02
CA THR A 82 37.60 -28.90 -1.61
C THR A 82 36.70 -27.84 -0.93
N LYS A 83 36.47 -28.01 0.38
CA LYS A 83 35.67 -27.13 1.21
C LYS A 83 36.23 -25.71 1.30
N GLU A 84 37.56 -25.56 1.44
CA GLU A 84 38.18 -24.23 1.56
C GLU A 84 38.27 -23.58 0.20
N LEU A 85 38.44 -24.42 -0.82
CA LEU A 85 38.54 -24.05 -2.22
C LEU A 85 37.20 -23.44 -2.69
N LEU A 86 36.08 -24.06 -2.27
CA LEU A 86 34.72 -23.64 -2.58
C LEU A 86 34.37 -22.33 -1.86
N LYS A 87 34.74 -22.20 -0.58
CA LYS A 87 34.49 -21.01 0.24
C LYS A 87 35.19 -19.80 -0.39
N GLU A 88 36.49 -19.93 -0.72
CA GLU A 88 37.32 -18.90 -1.37
C GLU A 88 36.67 -18.40 -2.67
N LYS A 89 36.13 -19.33 -3.47
CA LYS A 89 35.44 -19.05 -4.72
C LYS A 89 34.20 -18.20 -4.46
N ILE A 90 33.38 -18.57 -3.46
CA ILE A 90 32.16 -17.82 -3.08
C ILE A 90 32.57 -16.46 -2.62
N LYS A 91 33.58 -16.39 -1.73
CA LYS A 91 34.15 -15.16 -1.18
C LYS A 91 34.63 -14.23 -2.33
N ASN A 92 35.38 -14.76 -3.31
CA ASN A 92 35.87 -13.99 -4.45
C ASN A 92 34.72 -13.46 -5.31
N ALA A 93 33.75 -14.33 -5.66
CA ALA A 93 32.56 -14.00 -6.46
C ALA A 93 31.75 -12.88 -5.83
N ILE A 94 31.38 -13.03 -4.52
CA ILE A 94 30.67 -12.02 -3.71
C ILE A 94 31.47 -10.68 -3.74
N HIS A 95 32.77 -10.72 -3.41
CA HIS A 95 33.66 -9.55 -3.39
C HIS A 95 33.68 -8.84 -4.76
N LYS A 96 33.76 -9.62 -5.87
CA LYS A 96 33.78 -9.04 -7.23
C LYS A 96 32.40 -8.46 -7.61
N GLU A 97 31.30 -9.11 -7.16
CA GLU A 97 29.97 -8.60 -7.47
C GLU A 97 29.76 -7.20 -6.78
N THR A 98 30.30 -6.99 -5.57
CA THR A 98 30.15 -5.68 -4.92
C THR A 98 30.92 -4.62 -5.70
N GLU A 99 32.16 -4.95 -6.11
CA GLU A 99 33.05 -4.09 -6.90
C GLU A 99 32.33 -3.67 -8.16
N LEU A 100 31.73 -4.66 -8.85
CA LEU A 100 30.99 -4.48 -10.10
C LEU A 100 29.75 -3.65 -9.91
N LEU A 101 29.05 -3.85 -8.77
CA LEU A 101 27.88 -3.07 -8.41
C LEU A 101 28.28 -1.65 -7.95
N TYR A 102 29.55 -1.41 -7.57
CA TYR A 102 29.99 -0.06 -7.21
C TYR A 102 29.96 0.79 -8.47
N GLU A 103 30.70 0.34 -9.50
CA GLU A 103 30.86 0.95 -10.81
C GLU A 103 29.47 1.18 -11.40
N TYR A 104 28.62 0.14 -11.45
CA TYR A 104 27.28 0.17 -12.04
C TYR A 104 26.35 1.28 -11.52
N HIS A 105 26.57 1.70 -10.26
CA HIS A 105 25.80 2.73 -9.55
C HIS A 105 26.52 4.07 -9.52
N ASP A 106 27.87 4.05 -9.41
CA ASP A 106 28.71 5.24 -9.41
C ASP A 106 28.64 5.94 -10.77
N THR A 107 28.34 5.17 -11.83
CA THR A 107 28.18 5.65 -13.20
C THR A 107 26.76 6.21 -13.40
N GLY A 108 25.86 5.80 -12.52
CA GLY A 108 24.47 6.21 -12.62
C GLY A 108 23.74 5.51 -13.74
N THR A 109 24.09 4.22 -13.96
CA THR A 109 23.51 3.36 -15.01
C THR A 109 22.31 2.55 -14.51
N ALA A 110 22.38 2.06 -13.25
CA ALA A 110 21.32 1.28 -12.64
C ALA A 110 20.10 2.16 -12.47
N ILE A 111 18.89 1.68 -12.85
CA ILE A 111 17.64 2.44 -12.73
C ILE A 111 17.51 3.03 -11.33
N ILE A 112 17.89 2.25 -10.30
CA ILE A 112 17.92 2.64 -8.89
C ILE A 112 18.83 3.87 -8.67
N SER A 113 20.01 3.90 -9.35
CA SER A 113 20.99 5.02 -9.24
C SER A 113 20.56 6.30 -9.99
N LYS A 114 19.40 6.30 -10.65
CA LYS A 114 18.90 7.47 -11.36
C LYS A 114 18.14 8.45 -10.45
N ASN A 115 18.08 9.72 -10.88
CA ASN A 115 17.41 10.85 -10.22
C ASN A 115 16.03 11.10 -10.86
N ASP A 116 15.13 11.83 -10.18
CA ASP A 116 13.80 12.08 -10.72
C ASP A 116 13.69 13.32 -11.61
N LYS A 117 14.63 14.30 -11.49
CA LYS A 117 14.64 15.53 -12.29
C LYS A 117 16.05 16.07 -12.57
N LYS A 118 16.79 16.37 -11.49
CA LYS A 118 18.15 16.91 -11.45
C LYS A 118 19.18 15.93 -12.01
N GLY A 119 19.69 16.20 -13.23
CA GLY A 119 20.67 15.37 -13.94
C GLY A 119 21.97 15.21 -13.18
N GLN A 120 22.21 13.97 -12.64
CA GLN A 120 23.35 13.55 -11.80
C GLN A 120 23.32 14.18 -10.37
N LYS A 121 22.86 15.45 -10.25
CA LYS A 121 22.73 16.28 -9.04
C LYS A 121 21.78 15.71 -7.95
N GLY A 122 22.30 15.53 -6.74
CA GLY A 122 21.55 15.09 -5.57
C GLY A 122 21.20 13.61 -5.43
N LYS A 123 21.68 12.75 -6.37
CA LYS A 123 21.44 11.30 -6.35
C LYS A 123 22.60 10.58 -5.65
N ASN A 124 22.72 10.82 -4.33
CA ASN A 124 23.75 10.25 -3.47
C ASN A 124 23.22 10.25 -2.03
N ASP A 125 23.48 9.16 -1.26
CA ASP A 125 23.01 9.00 0.13
C ASP A 125 23.95 9.71 1.17
N PRO A 126 23.78 9.57 2.53
CA PRO A 126 24.68 10.29 3.47
C PRO A 126 26.17 10.09 3.20
N ASN A 127 26.56 8.80 3.01
CA ASN A 127 27.93 8.36 2.74
C ASN A 127 28.26 8.61 1.25
N GLY A 128 29.53 8.45 0.87
CA GLY A 128 30.00 8.63 -0.51
C GLY A 128 29.67 7.48 -1.45
N LEU A 129 28.77 6.60 -1.00
CA LEU A 129 28.35 5.47 -1.78
C LEU A 129 27.17 5.86 -2.65
N PRO A 130 27.21 5.52 -3.95
CA PRO A 130 26.12 5.91 -4.85
C PRO A 130 24.73 5.40 -4.45
N LYS A 131 23.69 6.16 -4.84
CA LYS A 131 22.28 5.83 -4.66
C LYS A 131 21.96 4.41 -5.20
N GLY A 132 21.54 3.52 -4.32
CA GLY A 132 21.20 2.15 -4.70
C GLY A 132 22.26 1.09 -4.57
N PHE A 133 23.53 1.50 -4.42
CA PHE A 133 24.64 0.58 -4.28
C PHE A 133 24.38 -0.44 -3.18
N CYS A 134 24.10 0.02 -1.92
CA CYS A 134 23.86 -0.82 -0.75
C CYS A 134 22.72 -1.80 -0.92
N HIS A 135 21.53 -1.34 -1.37
CA HIS A 135 20.36 -2.17 -1.68
C HIS A 135 20.74 -3.29 -2.66
N ALA A 136 21.43 -2.94 -3.77
CA ALA A 136 21.87 -3.85 -4.82
C ALA A 136 22.77 -4.92 -4.24
N VAL A 137 23.79 -4.50 -3.47
CA VAL A 137 24.75 -5.37 -2.82
C VAL A 137 24.05 -6.29 -1.85
N GLN A 138 23.13 -5.71 -1.05
CA GLN A 138 22.37 -6.48 -0.08
C GLN A 138 21.60 -7.58 -0.80
N ARG A 139 20.83 -7.21 -1.86
CA ARG A 139 20.04 -8.13 -2.69
C ARG A 139 20.91 -9.25 -3.31
N SER A 140 22.06 -8.87 -3.89
CA SER A 140 23.05 -9.78 -4.51
C SER A 140 23.53 -10.82 -3.49
N PHE A 141 23.83 -10.36 -2.24
CA PHE A 141 24.24 -11.24 -1.14
C PHE A 141 23.18 -12.34 -0.90
N ILE A 142 21.87 -11.95 -0.85
CA ILE A 142 20.77 -12.89 -0.68
C ILE A 142 20.74 -13.91 -1.81
N ASP A 143 20.99 -13.47 -3.06
CA ASP A 143 21.03 -14.37 -4.20
C ASP A 143 22.18 -15.38 -4.11
N TYR A 144 23.33 -14.99 -3.50
CA TYR A 144 24.41 -15.97 -3.28
C TYR A 144 23.85 -17.02 -2.35
N LYS A 145 23.31 -16.59 -1.16
CA LYS A 145 22.69 -17.43 -0.14
C LYS A 145 21.73 -18.43 -0.79
N ASN A 146 20.74 -17.95 -1.54
CA ASN A 146 19.75 -18.83 -2.14
C ASN A 146 20.30 -19.72 -3.24
N MET A 147 21.37 -19.29 -3.90
CA MET A 147 22.00 -20.10 -4.93
C MET A 147 22.82 -21.22 -4.32
N ILE A 148 23.49 -20.97 -3.18
CA ILE A 148 24.30 -21.97 -2.46
C ILE A 148 23.35 -23.01 -1.82
N LEU A 149 22.16 -22.57 -1.38
CA LEU A 149 21.12 -23.46 -0.85
C LEU A 149 20.20 -23.87 -2.02
N GLY A 150 19.07 -24.47 -1.71
CA GLY A 150 18.12 -24.92 -2.72
C GLY A 150 17.07 -23.90 -3.10
N THR A 151 16.87 -23.71 -4.42
CA THR A 151 15.89 -22.77 -4.96
C THR A 151 15.31 -23.27 -6.31
N SER A 152 13.95 -23.23 -6.43
CA SER A 152 13.15 -23.61 -7.60
C SER A 152 13.41 -22.74 -8.84
N VAL A 153 14.18 -21.62 -8.67
CA VAL A 153 14.58 -20.68 -9.73
C VAL A 153 16.09 -20.77 -9.99
N ASN A 154 16.45 -21.07 -11.24
CA ASN A 154 17.83 -21.20 -11.69
C ASN A 154 18.26 -19.90 -12.36
N ILE A 155 19.10 -19.08 -11.66
CA ILE A 155 19.58 -17.78 -12.21
C ILE A 155 20.27 -17.95 -13.59
N TYR A 156 21.00 -19.09 -13.74
CA TYR A 156 21.66 -19.50 -14.97
C TYR A 156 21.14 -20.85 -15.43
N GLU A 157 21.23 -21.07 -16.76
CA GLU A 157 20.78 -22.18 -17.58
C GLU A 157 20.78 -23.58 -16.90
N HIS A 158 21.93 -24.09 -16.42
CA HIS A 158 21.96 -25.43 -15.84
C HIS A 158 22.47 -25.47 -14.40
N ILE A 159 22.59 -24.29 -13.79
CA ILE A 159 23.18 -24.01 -12.47
C ILE A 159 22.64 -24.92 -11.33
N GLY A 160 21.50 -25.58 -11.53
CA GLY A 160 20.98 -26.52 -10.54
C GLY A 160 21.99 -27.59 -10.17
N LYS A 161 22.81 -28.02 -11.17
CA LYS A 161 23.87 -29.02 -11.04
C LYS A 161 24.87 -28.58 -9.97
N LEU A 162 25.23 -27.29 -9.95
CA LEU A 162 26.14 -26.68 -9.00
C LEU A 162 25.69 -26.89 -7.54
N GLN A 163 24.36 -26.75 -7.26
CA GLN A 163 23.70 -26.88 -5.94
C GLN A 163 23.77 -28.30 -5.35
N GLU A 164 23.84 -29.32 -6.22
CA GLU A 164 23.89 -30.73 -5.82
C GLU A 164 25.32 -31.18 -5.64
N ASP A 165 26.22 -30.58 -6.40
CA ASP A 165 27.67 -30.76 -6.36
C ASP A 165 28.19 -30.12 -5.07
N ILE A 166 27.57 -29.00 -4.65
CA ILE A 166 27.87 -28.28 -3.42
C ILE A 166 27.59 -29.20 -2.23
N LYS A 167 26.45 -29.96 -2.31
CA LYS A 167 25.97 -30.97 -1.36
C LYS A 167 27.10 -31.98 -1.13
N LYS A 168 27.66 -32.56 -2.22
CA LYS A 168 28.78 -33.51 -2.19
C LYS A 168 29.90 -32.97 -1.30
N ILE A 169 30.49 -31.80 -1.66
CA ILE A 169 31.59 -31.17 -0.91
C ILE A 169 31.29 -31.07 0.60
N ILE A 170 30.12 -30.54 0.96
CA ILE A 170 29.69 -30.30 2.35
C ILE A 170 29.37 -31.60 3.08
N GLU A 171 28.95 -32.64 2.32
CA GLU A 171 28.66 -33.96 2.89
C GLU A 171 29.97 -34.71 3.19
N LYS A 172 31.00 -34.58 2.30
CA LYS A 172 32.35 -35.18 2.45
C LYS A 172 33.31 -34.35 3.37
N GLY A 173 32.85 -33.22 3.89
CA GLY A 173 33.61 -32.37 4.80
C GLY A 173 33.51 -32.85 6.25
N THR A 174 33.96 -32.01 7.22
CA THR A 174 33.93 -32.33 8.67
C THR A 174 32.50 -32.73 9.22
N PRO A 175 31.33 -32.11 8.85
CA PRO A 175 30.06 -32.58 9.41
C PRO A 175 29.38 -33.63 8.51
N GLU A 189 19.35 -28.91 6.18
CA GLU A 189 20.42 -29.76 5.68
C GLU A 189 21.82 -29.26 6.10
N ASN A 190 22.87 -30.08 5.92
CA ASN A 190 24.24 -29.72 6.30
C ASN A 190 24.71 -28.44 5.61
N VAL A 191 24.31 -28.23 4.34
CA VAL A 191 24.71 -27.03 3.62
C VAL A 191 23.90 -25.82 4.13
N ASN A 192 22.62 -26.06 4.49
CA ASN A 192 21.74 -25.03 5.05
C ASN A 192 22.39 -24.53 6.34
N ALA A 193 23.21 -25.40 6.96
CA ALA A 193 23.95 -25.14 8.20
C ALA A 193 25.33 -24.58 7.92
N TRP A 194 25.97 -25.06 6.83
CA TRP A 194 27.31 -24.61 6.41
C TRP A 194 27.26 -23.14 6.07
N TRP A 195 26.18 -22.72 5.36
CA TRP A 195 25.98 -21.32 5.03
C TRP A 195 25.77 -20.48 6.26
N LYS A 196 25.08 -21.04 7.29
CA LYS A 196 24.76 -20.37 8.57
C LYS A 196 26.08 -19.95 9.24
N GLY A 197 27.00 -20.91 9.40
CA GLY A 197 28.33 -20.72 9.95
C GLY A 197 29.24 -19.83 9.11
N ILE A 198 29.36 -20.12 7.80
CA ILE A 198 30.21 -19.39 6.84
C ILE A 198 29.76 -17.91 6.50
N GLU A 199 28.45 -17.56 6.67
CA GLU A 199 27.79 -16.28 6.34
C GLU A 199 28.50 -15.01 6.83
N ARG A 200 29.08 -15.01 8.05
CA ARG A 200 29.74 -13.78 8.54
C ARG A 200 30.96 -13.45 7.70
N GLU A 201 31.89 -14.43 7.53
CA GLU A 201 33.08 -14.35 6.69
C GLU A 201 32.72 -13.99 5.25
N MET A 202 31.53 -14.42 4.77
CA MET A 202 30.99 -14.12 3.43
C MET A 202 30.49 -12.69 3.32
N TRP A 203 29.95 -12.14 4.40
CA TRP A 203 29.48 -10.76 4.41
C TRP A 203 30.66 -9.81 4.54
N ASP A 204 31.74 -10.25 5.18
CA ASP A 204 32.92 -9.42 5.37
C ASP A 204 33.64 -9.20 4.04
N ALA A 205 33.34 -10.07 3.03
CA ALA A 205 33.84 -9.90 1.66
C ALA A 205 33.18 -8.64 1.08
N VAL A 206 31.93 -8.36 1.47
CA VAL A 206 31.19 -7.17 1.05
C VAL A 206 31.79 -5.92 1.71
N ARG A 207 31.98 -5.96 3.05
CA ARG A 207 32.54 -4.87 3.84
C ARG A 207 33.96 -4.54 3.42
N CYS A 208 34.88 -5.55 3.31
CA CYS A 208 36.28 -5.32 2.91
C CYS A 208 36.45 -4.79 1.51
N ALA A 209 35.52 -5.11 0.59
CA ALA A 209 35.55 -4.60 -0.78
C ALA A 209 35.03 -3.18 -0.82
N ILE A 210 34.27 -2.77 0.21
CA ILE A 210 33.75 -1.41 0.33
C ILE A 210 34.89 -0.51 0.80
N THR A 211 35.79 -1.05 1.65
CA THR A 211 36.97 -0.35 2.15
C THR A 211 37.90 0.14 1.01
N LYS A 212 37.93 -0.64 -0.10
CA LYS A 212 38.75 -0.40 -1.29
C LYS A 212 38.46 0.92 -2.00
N ILE A 213 37.21 1.37 -1.98
CA ILE A 213 36.78 2.61 -2.64
C ILE A 213 37.41 3.87 -1.96
N ASN A 214 37.69 3.79 -0.64
CA ASN A 214 38.35 4.84 0.16
C ASN A 214 39.76 5.14 -0.42
N LYS A 215 40.54 4.06 -0.74
CA LYS A 215 41.88 4.09 -1.35
C LYS A 215 41.83 4.84 -2.70
N LYS A 216 40.73 4.58 -3.47
CA LYS A 216 40.40 5.19 -4.77
C LYS A 216 40.08 6.69 -4.58
N ASN A 217 39.22 6.99 -3.59
CA ASN A 217 38.74 8.34 -3.25
C ASN A 217 39.80 9.23 -2.55
N ASN A 218 39.69 10.55 -2.76
CA ASN A 218 40.54 11.56 -2.15
C ASN A 218 39.66 12.31 -1.13
N ASN A 219 40.00 12.18 0.17
CA ASN A 219 39.29 12.75 1.35
C ASN A 219 37.87 12.14 1.53
N GLY A 220 37.62 11.00 0.87
CA GLY A 220 36.37 10.24 0.90
C GLY A 220 36.53 8.95 1.66
N ILE A 221 36.57 9.05 3.02
CA ILE A 221 36.77 7.99 4.00
C ILE A 221 35.71 6.88 4.00
N PHE A 222 36.17 5.59 3.95
CA PHE A 222 35.34 4.38 3.99
C PHE A 222 35.86 3.35 4.99
N ASN A 223 34.96 2.51 5.58
CA ASN A 223 35.31 1.51 6.59
C ASN A 223 34.59 0.13 6.45
N GLY A 224 33.56 0.06 5.60
CA GLY A 224 32.83 -1.17 5.31
C GLY A 224 31.46 -1.35 5.93
N ASP A 225 31.19 -0.73 7.09
CA ASP A 225 29.91 -0.86 7.80
C ASP A 225 28.79 0.03 7.26
N GLU A 226 29.05 0.75 6.14
CA GLU A 226 28.17 1.71 5.48
C GLU A 226 26.94 1.06 4.82
N CYS A 227 27.07 -0.23 4.38
CA CYS A 227 25.96 -1.04 3.82
C CYS A 227 25.43 -2.01 4.89
N GLY A 228 25.81 -1.73 6.14
CA GLY A 228 25.45 -2.54 7.29
C GLY A 228 26.61 -3.34 7.81
N VAL A 229 26.59 -3.64 9.12
CA VAL A 229 27.61 -4.40 9.83
C VAL A 229 27.35 -5.88 9.61
N SER A 230 26.05 -6.27 9.62
CA SER A 230 25.60 -7.66 9.45
C SER A 230 24.99 -7.91 8.06
N PRO A 231 24.97 -9.17 7.57
CA PRO A 231 24.33 -9.44 6.27
C PRO A 231 22.81 -9.28 6.35
N PRO A 232 22.11 -8.93 5.22
CA PRO A 232 20.67 -8.68 5.27
C PRO A 232 19.83 -9.51 6.25
N THR A 233 18.94 -8.74 6.93
CA THR A 233 17.96 -9.04 7.99
C THR A 233 17.10 -10.27 7.75
N GLY A 234 16.09 -10.43 8.60
CA GLY A 234 15.15 -11.55 8.57
C GLY A 234 14.14 -11.48 7.44
N ASN A 235 13.45 -10.33 7.31
CA ASN A 235 12.42 -10.12 6.30
C ASN A 235 12.91 -10.42 4.89
N ASP A 236 14.09 -9.89 4.55
CA ASP A 236 14.76 -9.97 3.27
C ASP A 236 15.29 -11.38 2.95
N GLU A 237 15.57 -12.21 3.98
CA GLU A 237 16.08 -13.59 3.80
C GLU A 237 15.27 -14.38 2.74
N ASP A 238 13.95 -14.03 2.60
CA ASP A 238 12.99 -14.60 1.65
C ASP A 238 13.23 -13.96 0.30
N GLN A 239 13.89 -14.72 -0.60
CA GLN A 239 14.24 -14.26 -1.94
C GLN A 239 13.05 -13.55 -2.54
N SER A 240 11.89 -14.22 -2.52
CA SER A 240 10.63 -13.75 -3.06
C SER A 240 10.36 -12.29 -2.72
N VAL A 241 10.52 -11.91 -1.41
CA VAL A 241 10.30 -10.54 -0.91
C VAL A 241 11.51 -9.61 -1.20
N SER A 242 12.75 -10.16 -1.22
CA SER A 242 13.97 -9.39 -1.53
C SER A 242 13.89 -8.87 -2.99
N TRP A 243 13.42 -9.74 -3.90
CA TRP A 243 13.19 -9.51 -5.32
C TRP A 243 11.98 -8.59 -5.50
N PHE A 244 10.91 -8.77 -4.68
CA PHE A 244 9.68 -7.96 -4.74
C PHE A 244 9.94 -6.55 -4.27
N LYS A 245 10.83 -6.38 -3.31
CA LYS A 245 11.22 -5.07 -2.78
C LYS A 245 12.00 -4.29 -3.85
N GLU A 246 12.84 -4.99 -4.62
CA GLU A 246 13.61 -4.41 -5.72
C GLU A 246 12.66 -3.96 -6.81
N TRP A 247 11.67 -4.81 -7.18
CA TRP A 247 10.64 -4.50 -8.17
C TRP A 247 9.94 -3.24 -7.78
N GLY A 248 9.63 -3.14 -6.49
CA GLY A 248 8.96 -2.00 -5.88
C GLY A 248 9.81 -0.75 -5.95
N GLU A 249 11.09 -0.84 -5.48
CA GLU A 249 12.00 0.29 -5.51
C GLU A 249 12.12 0.83 -6.91
N GLN A 250 12.32 -0.07 -7.87
CA GLN A 250 12.48 0.30 -9.26
C GLN A 250 11.19 0.93 -9.84
N PHE A 251 10.02 0.33 -9.54
CA PHE A 251 8.75 0.81 -10.06
C PHE A 251 8.51 2.23 -9.62
N CYS A 252 8.65 2.47 -8.31
CA CYS A 252 8.46 3.79 -7.73
C CYS A 252 9.45 4.80 -8.32
N ILE A 253 10.75 4.45 -8.32
CA ILE A 253 11.83 5.30 -8.83
C ILE A 253 11.58 5.69 -10.31
N GLU A 254 11.12 4.73 -11.12
CA GLU A 254 10.78 4.97 -12.51
C GLU A 254 9.51 5.81 -12.57
N ARG A 255 8.48 5.52 -11.71
CA ARG A 255 7.18 6.21 -11.67
C ARG A 255 7.32 7.70 -11.44
N LEU A 256 8.26 8.10 -10.57
CA LEU A 256 8.50 9.49 -10.29
C LEU A 256 9.17 10.18 -11.48
N ARG A 257 9.86 9.39 -12.32
CA ARG A 257 10.50 9.93 -13.51
C ARG A 257 9.43 10.20 -14.57
N TYR A 258 8.46 9.28 -14.73
CA TYR A 258 7.32 9.46 -15.64
C TYR A 258 6.50 10.69 -15.21
N GLU A 259 6.38 10.94 -13.87
CA GLU A 259 5.65 12.06 -13.24
C GLU A 259 6.23 13.37 -13.74
N GLN A 260 7.51 13.63 -13.39
CA GLN A 260 8.33 14.78 -13.78
C GLN A 260 8.15 15.06 -15.29
N ASN A 261 8.27 14.04 -16.16
CA ASN A 261 8.03 14.19 -17.60
C ASN A 261 6.58 14.62 -17.96
N ILE A 262 5.55 14.16 -17.20
CA ILE A 262 4.14 14.53 -17.41
C ILE A 262 4.02 16.01 -16.99
N ARG A 263 4.62 16.36 -15.83
CA ARG A 263 4.63 17.71 -15.28
C ARG A 263 5.41 18.69 -16.16
N GLU A 264 6.38 18.22 -16.95
CA GLU A 264 7.09 19.16 -17.82
C GLU A 264 6.28 19.46 -19.07
N ALA A 265 5.34 18.55 -19.45
CA ALA A 265 4.50 18.68 -20.64
C ALA A 265 3.05 19.12 -20.40
N CYS A 266 2.53 19.01 -19.16
CA CYS A 266 1.12 19.31 -18.91
C CYS A 266 0.86 20.58 -18.12
N THR A 267 1.48 20.78 -16.94
CA THR A 267 1.31 22.05 -16.22
C THR A 267 2.13 23.13 -16.97
N ILE A 268 3.32 22.72 -17.48
CA ILE A 268 4.27 23.49 -18.28
C ILE A 268 4.31 22.88 -19.68
N CYS A 276 -1.78 20.84 -23.62
CA CYS A 276 -3.19 20.58 -23.36
C CYS A 276 -4.06 21.55 -24.17
N ILE A 277 -4.45 21.16 -25.40
CA ILE A 277 -5.26 22.03 -26.27
C ILE A 277 -6.62 21.37 -26.61
N ASN A 278 -7.73 22.02 -26.20
CA ASN A 278 -9.11 21.58 -26.46
C ASN A 278 -9.39 21.52 -27.96
N SER A 279 -9.36 20.29 -28.49
CA SER A 279 -9.57 20.01 -29.91
C SER A 279 -11.01 19.52 -30.18
N LYS A 280 -11.43 18.46 -29.44
CA LYS A 280 -12.73 17.76 -29.52
C LYS A 280 -13.98 18.66 -29.32
N SER A 281 -15.16 18.12 -29.67
CA SER A 281 -16.46 18.79 -29.56
C SER A 281 -16.93 18.90 -28.11
N GLY A 284 -14.54 17.47 -25.16
CA GLY A 284 -14.26 18.82 -25.64
C GLY A 284 -12.90 19.35 -25.22
N ASP A 285 -12.60 19.20 -23.91
CA ASP A 285 -11.34 19.62 -23.29
C ASP A 285 -10.37 18.40 -23.28
N LYS A 286 -9.46 18.34 -24.26
CA LYS A 286 -8.50 17.24 -24.41
C LYS A 286 -7.03 17.66 -24.45
N ILE A 287 -6.12 16.73 -24.05
CA ILE A 287 -4.65 16.89 -24.09
C ILE A 287 -4.27 16.38 -25.48
N GLN A 288 -3.37 17.06 -26.23
CA GLN A 288 -3.12 16.59 -27.59
C GLN A 288 -1.66 16.53 -28.08
N GLY A 289 -0.77 17.31 -27.47
CA GLY A 289 0.61 17.40 -27.91
C GLY A 289 1.56 16.45 -27.24
N ALA A 290 2.59 17.04 -26.59
CA ALA A 290 3.62 16.33 -25.84
C ALA A 290 2.99 15.77 -24.57
N CYS A 291 1.97 16.47 -24.01
CA CYS A 291 1.26 16.03 -22.80
C CYS A 291 0.62 14.65 -23.08
N LYS A 292 -0.12 14.49 -24.20
CA LYS A 292 -0.70 13.18 -24.53
C LYS A 292 0.43 12.13 -24.61
N ARG A 293 1.56 12.48 -25.30
CA ARG A 293 2.75 11.63 -25.44
C ARG A 293 3.36 11.19 -24.09
N LYS A 294 3.49 12.12 -23.12
CA LYS A 294 4.08 11.81 -21.82
C LYS A 294 3.16 10.98 -20.91
N CYS A 295 1.85 11.21 -21.03
CA CYS A 295 0.82 10.52 -20.26
C CYS A 295 0.64 9.11 -20.80
N GLU A 296 0.62 8.97 -22.14
CA GLU A 296 0.50 7.65 -22.78
C GLU A 296 1.71 6.77 -22.45
N LYS A 297 2.92 7.36 -22.35
CA LYS A 297 4.17 6.66 -21.97
C LYS A 297 4.03 5.99 -20.60
N TYR A 298 3.33 6.67 -19.66
CA TYR A 298 3.03 6.16 -18.34
C TYR A 298 1.86 5.13 -18.48
N LYS A 299 0.77 5.47 -19.20
CA LYS A 299 -0.33 4.54 -19.39
C LYS A 299 0.18 3.24 -19.98
N LYS A 300 1.19 3.32 -20.89
CA LYS A 300 1.79 2.13 -21.47
C LYS A 300 2.65 1.44 -20.40
N TYR A 301 3.44 2.21 -19.64
CA TYR A 301 4.28 1.68 -18.57
C TYR A 301 3.46 0.80 -17.60
N ILE A 302 2.32 1.33 -17.13
CA ILE A 302 1.42 0.63 -16.21
C ILE A 302 0.89 -0.64 -16.87
N SER A 303 0.26 -0.54 -18.07
CA SER A 303 -0.25 -1.69 -18.82
C SER A 303 0.72 -2.87 -18.77
N GLU A 304 2.05 -2.57 -18.86
CA GLU A 304 3.14 -3.53 -18.82
C GLU A 304 3.37 -4.08 -17.39
N LYS A 305 3.70 -3.17 -16.44
CA LYS A 305 4.04 -3.45 -15.04
C LYS A 305 2.91 -4.08 -14.19
N LYS A 306 1.62 -3.94 -14.63
CA LYS A 306 0.44 -4.52 -13.96
C LYS A 306 0.56 -6.05 -13.77
N GLN A 307 0.97 -6.80 -14.82
CA GLN A 307 1.14 -8.27 -14.75
C GLN A 307 2.17 -8.67 -13.69
N GLU A 308 3.33 -7.99 -13.66
CA GLU A 308 4.41 -8.20 -12.68
C GLU A 308 3.89 -7.94 -11.25
N TRP A 309 3.11 -6.85 -11.07
CA TRP A 309 2.52 -6.49 -9.78
C TRP A 309 1.50 -7.55 -9.35
N ASP A 310 0.44 -7.76 -10.19
CA ASP A 310 -0.63 -8.74 -10.05
C ASP A 310 -0.07 -10.08 -9.64
N LYS A 311 1.07 -10.50 -10.22
CA LYS A 311 1.70 -11.79 -9.90
C LYS A 311 2.30 -11.76 -8.51
N GLN A 312 3.30 -10.89 -8.27
CA GLN A 312 4.06 -10.72 -7.03
C GLN A 312 3.21 -10.32 -5.81
N LYS A 313 2.05 -9.62 -6.03
CA LYS A 313 1.07 -9.27 -4.97
C LYS A 313 0.41 -10.60 -4.49
N THR A 314 -0.23 -11.34 -5.43
CA THR A 314 -0.88 -12.63 -5.15
C THR A 314 0.04 -13.62 -4.41
N LYS A 315 1.29 -13.77 -4.87
CA LYS A 315 2.25 -14.71 -4.27
C LYS A 315 2.71 -14.28 -2.84
N TYR A 316 3.00 -12.98 -2.64
CA TYR A 316 3.45 -12.42 -1.35
C TYR A 316 2.41 -12.61 -0.27
N GLU A 317 1.23 -12.05 -0.52
CA GLU A 317 0.11 -12.07 0.39
C GLU A 317 -0.37 -13.50 0.72
N ASN A 318 -0.05 -14.50 -0.14
CA ASN A 318 -0.40 -15.88 0.14
C ASN A 318 0.67 -16.44 1.09
N LYS A 319 1.93 -16.00 0.91
CA LYS A 319 3.08 -16.36 1.76
C LYS A 319 2.98 -15.64 3.12
N TYR A 320 2.26 -14.51 3.19
CA TYR A 320 2.09 -13.71 4.41
C TYR A 320 0.66 -13.19 4.55
N VAL A 321 -0.15 -13.93 5.31
CA VAL A 321 -1.55 -13.59 5.54
C VAL A 321 -1.69 -12.35 6.42
N GLY A 322 -2.64 -11.48 6.06
CA GLY A 322 -2.84 -10.20 6.76
C GLY A 322 -1.85 -9.11 6.33
N LYS A 323 -0.71 -9.53 5.78
CA LYS A 323 0.30 -8.62 5.30
C LYS A 323 -0.06 -8.17 3.88
N SER A 324 0.12 -6.86 3.62
CA SER A 324 -0.17 -6.18 2.35
C SER A 324 1.13 -5.92 1.59
N ALA A 325 1.11 -6.15 0.26
CA ALA A 325 2.23 -5.92 -0.66
C ALA A 325 2.56 -4.45 -0.66
N SER A 326 1.54 -3.60 -0.89
CA SER A 326 1.60 -2.14 -0.90
C SER A 326 2.31 -1.55 0.33
N ASP A 327 2.30 -2.29 1.47
CA ASP A 327 2.93 -1.90 2.74
C ASP A 327 4.42 -2.20 2.76
N LEU A 328 4.79 -3.39 2.27
CA LEU A 328 6.16 -3.89 2.18
C LEU A 328 6.98 -2.89 1.43
N LEU A 329 6.32 -2.25 0.46
CA LEU A 329 6.98 -1.29 -0.42
C LEU A 329 6.96 0.11 0.14
N LYS A 330 5.76 0.61 0.53
CA LYS A 330 5.60 1.98 1.01
C LYS A 330 6.50 2.28 2.22
N GLU A 331 6.76 1.24 3.05
CA GLU A 331 7.62 1.33 4.24
C GLU A 331 9.06 1.53 3.83
N ASN A 332 9.66 0.49 3.26
CA ASN A 332 11.06 0.43 2.87
C ASN A 332 11.54 1.54 1.88
N TYR A 333 10.68 2.03 0.94
CA TYR A 333 11.17 2.97 -0.07
C TYR A 333 10.46 4.33 -0.10
N PRO A 334 11.21 5.37 0.32
CA PRO A 334 10.68 6.74 0.36
C PRO A 334 10.14 7.31 -0.95
N GLU A 335 10.50 6.74 -2.11
CA GLU A 335 10.00 7.24 -3.40
C GLU A 335 8.53 6.81 -3.63
N CYS A 336 8.08 5.72 -2.94
CA CYS A 336 6.73 5.10 -3.01
C CYS A 336 5.68 5.85 -2.24
N ILE A 337 6.01 6.95 -1.56
CA ILE A 337 5.04 7.66 -0.73
C ILE A 337 3.84 8.14 -1.56
N SER A 338 4.09 8.80 -2.70
CA SER A 338 2.99 9.27 -3.55
C SER A 338 2.25 8.15 -4.30
N ALA A 339 2.71 6.89 -4.15
CA ALA A 339 2.16 5.71 -4.83
C ALA A 339 1.01 5.05 -4.11
N ASN A 340 -0.04 4.73 -4.86
CA ASN A 340 -1.22 4.01 -4.40
C ASN A 340 -1.49 2.93 -5.42
N PHE A 341 -1.00 1.72 -5.11
CA PHE A 341 -1.09 0.55 -5.96
C PHE A 341 -2.52 0.14 -6.25
N ASP A 342 -3.46 0.36 -5.30
CA ASP A 342 -4.86 0.04 -5.52
C ASP A 342 -5.48 0.88 -6.64
N PHE A 343 -5.03 2.13 -6.74
CA PHE A 343 -5.53 3.05 -7.74
C PHE A 343 -4.79 2.91 -9.05
N ILE A 344 -3.45 2.65 -9.02
CA ILE A 344 -2.64 2.46 -10.23
C ILE A 344 -3.07 1.14 -10.90
N PHE A 345 -3.06 0.05 -10.12
CA PHE A 345 -3.40 -1.31 -10.56
C PHE A 345 -4.81 -1.72 -10.13
N ASN A 346 -5.79 -1.19 -10.90
CA ASN A 346 -7.22 -1.37 -10.77
C ASN A 346 -7.70 -2.42 -11.77
N ASP A 347 -8.70 -3.23 -11.37
CA ASP A 347 -9.31 -4.26 -12.23
C ASP A 347 -10.69 -3.77 -12.71
N ASN A 348 -11.13 -2.61 -12.16
CA ASN A 348 -12.40 -1.99 -12.48
C ASN A 348 -12.37 -1.34 -13.85
N ILE A 349 -13.23 -1.82 -14.76
CA ILE A 349 -13.34 -1.34 -16.15
C ILE A 349 -13.76 0.14 -16.17
N GLU A 350 -14.78 0.52 -15.35
CA GLU A 350 -15.31 1.90 -15.26
C GLU A 350 -14.19 2.89 -14.92
N TYR A 351 -13.31 2.51 -13.95
CA TYR A 351 -12.15 3.27 -13.48
C TYR A 351 -11.18 3.41 -14.63
N LYS A 352 -10.66 2.28 -15.17
CA LYS A 352 -9.70 2.25 -16.27
C LYS A 352 -10.02 3.23 -17.43
N THR A 353 -11.30 3.55 -17.65
CA THR A 353 -11.67 4.49 -18.71
C THR A 353 -11.72 5.90 -18.15
N TYR A 354 -12.33 6.07 -16.95
CA TYR A 354 -12.50 7.36 -16.26
C TYR A 354 -11.17 7.93 -15.82
N TYR A 355 -10.28 7.07 -15.32
CA TYR A 355 -8.93 7.39 -14.94
C TYR A 355 -8.04 6.62 -15.91
N PRO A 356 -7.84 7.10 -17.18
CA PRO A 356 -7.03 6.33 -18.14
C PRO A 356 -5.56 6.27 -17.80
N TYR A 357 -5.06 7.29 -17.08
CA TYR A 357 -3.66 7.39 -16.65
C TYR A 357 -3.56 7.05 -15.15
N GLY A 358 -4.69 6.56 -14.61
CA GLY A 358 -4.89 6.18 -13.23
C GLY A 358 -4.44 7.27 -12.28
N ASP A 359 -3.34 6.98 -11.60
CA ASP A 359 -2.58 7.77 -10.65
C ASP A 359 -2.47 9.25 -11.11
N TYR A 360 -1.95 9.51 -12.34
CA TYR A 360 -1.76 10.88 -12.83
C TYR A 360 -2.90 11.41 -13.75
N SER A 361 -4.09 10.76 -13.69
CA SER A 361 -5.26 11.12 -14.51
C SER A 361 -5.64 12.57 -14.44
N SER A 362 -5.83 13.14 -13.22
CA SER A 362 -6.22 14.55 -13.00
C SER A 362 -5.25 15.58 -13.61
N ILE A 363 -3.95 15.24 -13.71
CA ILE A 363 -2.88 16.07 -14.31
C ILE A 363 -3.00 16.00 -15.86
N CYS A 364 -3.28 14.79 -16.40
CA CYS A 364 -3.47 14.52 -17.82
C CYS A 364 -4.93 14.76 -18.21
N SER A 365 -5.51 15.88 -17.77
CA SER A 365 -6.89 16.23 -18.11
C SER A 365 -7.08 17.74 -18.23
N CYS A 366 -7.66 18.17 -19.38
CA CYS A 366 -7.97 19.56 -19.72
C CYS A 366 -9.31 19.99 -19.07
N GLU A 367 -10.15 19.00 -18.67
CA GLU A 367 -11.48 19.15 -18.06
C GLU A 367 -11.44 19.84 -16.71
N GLN A 368 -12.22 20.94 -16.58
CA GLN A 368 -12.33 21.80 -15.39
C GLN A 368 -12.86 21.06 -14.13
N VAL A 369 -12.03 21.03 -13.05
CA VAL A 369 -12.34 20.39 -11.75
C VAL A 369 -13.46 21.18 -11.09
N LYS A 370 -14.69 20.65 -11.16
CA LYS A 370 -15.87 21.34 -10.63
C LYS A 370 -16.96 20.39 -10.26
N TYR A 371 -17.62 20.66 -9.12
CA TYR A 371 -18.77 19.92 -8.63
C TYR A 371 -20.01 20.67 -9.05
N TYR A 372 -20.95 19.98 -9.70
CA TYR A 372 -22.18 20.61 -10.14
C TYR A 372 -23.33 20.36 -9.17
N LYS A 373 -23.89 21.46 -8.63
CA LYS A 373 -25.02 21.46 -7.69
C LYS A 373 -26.25 20.68 -8.22
N TYR A 374 -27.16 20.23 -7.34
CA TYR A 374 -28.33 19.41 -7.70
C TYR A 374 -29.09 19.91 -8.93
N ASN A 375 -29.77 21.07 -8.84
CA ASN A 375 -30.54 21.51 -9.99
C ASN A 375 -29.81 22.55 -10.82
N ASN A 376 -28.50 22.33 -10.98
CA ASN A 376 -27.65 23.10 -11.86
C ASN A 376 -28.22 22.75 -13.23
N ALA A 377 -28.49 23.77 -14.08
CA ALA A 377 -28.99 23.53 -15.44
C ALA A 377 -27.95 22.63 -16.18
N GLU A 378 -28.36 21.93 -17.26
CA GLU A 378 -27.49 21.06 -18.07
C GLU A 378 -26.62 20.05 -17.24
N LYS A 379 -25.26 20.06 -17.44
CA LYS A 379 -24.16 19.21 -16.92
C LYS A 379 -24.35 18.66 -15.51
N LYS A 380 -24.24 17.31 -15.41
CA LYS A 380 -24.34 16.50 -14.19
C LYS A 380 -22.97 15.88 -13.82
N ASN A 381 -22.75 15.61 -12.52
CA ASN A 381 -21.52 15.03 -11.99
C ASN A 381 -21.35 13.60 -12.45
N ASN A 382 -20.10 13.17 -12.61
CA ASN A 382 -19.82 11.78 -12.97
C ASN A 382 -19.93 11.00 -11.68
N LYS A 383 -21.11 10.36 -11.44
CA LYS A 383 -21.33 9.49 -10.27
C LYS A 383 -20.67 8.17 -10.67
N LEU A 384 -19.48 8.33 -11.29
CA LEU A 384 -18.55 7.35 -11.83
C LEU A 384 -18.04 6.55 -10.65
N LEU A 385 -18.89 5.58 -10.32
CA LEU A 385 -18.88 4.58 -9.26
C LEU A 385 -17.66 4.47 -8.40
N CYS A 386 -17.88 4.28 -7.10
CA CYS A 386 -16.76 3.86 -6.28
C CYS A 386 -16.81 2.33 -6.61
N TYR A 387 -15.90 1.52 -6.08
CA TYR A 387 -16.00 0.09 -6.33
C TYR A 387 -17.34 -0.43 -5.76
N GLU A 388 -17.81 -1.60 -6.22
CA GLU A 388 -19.06 -2.14 -5.70
C GLU A 388 -18.94 -2.47 -4.20
N LYS A 389 -19.71 -1.72 -3.39
CA LYS A 389 -19.70 -1.87 -1.94
C LYS A 389 -20.16 -3.25 -1.50
N ASP A 390 -19.19 -4.03 -1.00
CA ASP A 390 -19.32 -5.39 -0.51
C ASP A 390 -19.96 -5.43 0.90
N ASN A 391 -21.13 -6.12 1.03
CA ASN A 391 -21.87 -6.28 2.31
C ASN A 391 -21.26 -7.37 3.18
N ASP A 392 -20.58 -8.31 2.52
CA ASP A 392 -19.95 -9.50 3.10
C ASP A 392 -18.64 -9.16 3.83
N MET A 393 -18.16 -7.90 3.69
CA MET A 393 -16.91 -7.43 4.29
C MET A 393 -16.86 -7.53 5.82
N THR A 394 -15.64 -7.69 6.40
CA THR A 394 -15.39 -7.79 7.84
C THR A 394 -14.68 -6.58 8.44
N TRP A 395 -14.73 -6.48 9.78
CA TRP A 395 -14.10 -5.43 10.59
C TRP A 395 -12.59 -5.63 10.56
N SER A 396 -11.83 -4.53 10.71
CA SER A 396 -10.40 -4.62 10.58
C SER A 396 -9.60 -3.83 11.60
N LYS A 397 -8.51 -4.43 12.08
CA LYS A 397 -7.55 -3.80 12.98
C LYS A 397 -6.29 -3.37 12.19
N LYS A 398 -6.44 -3.32 10.85
CA LYS A 398 -5.36 -2.95 9.95
C LYS A 398 -5.54 -1.55 9.39
N TYR A 399 -4.39 -0.86 9.21
CA TYR A 399 -4.21 0.51 8.71
C TYR A 399 -4.59 1.52 9.76
N ILE A 400 -4.70 1.05 11.00
CA ILE A 400 -4.99 1.88 12.14
C ILE A 400 -3.83 2.86 12.39
N LYS A 401 -4.12 4.04 12.93
CA LYS A 401 -3.18 5.14 13.21
C LYS A 401 -2.12 4.74 14.30
N LYS A 402 -1.00 5.52 14.39
CA LYS A 402 0.10 5.27 15.34
C LYS A 402 -0.30 5.56 16.80
N LEU A 403 -0.42 6.87 17.17
CA LEU A 403 -0.80 7.30 18.51
C LEU A 403 -1.94 8.31 18.46
N SER A 408 -1.93 4.19 23.71
CA SER A 408 -1.94 3.50 22.42
C SER A 408 -3.33 3.60 21.77
N LEU A 409 -3.47 3.11 20.54
CA LEU A 409 -4.74 3.08 19.81
C LEU A 409 -5.25 1.63 19.60
N GLU A 410 -4.42 0.65 20.03
CA GLU A 410 -4.66 -0.79 19.92
C GLU A 410 -5.92 -1.23 20.67
N GLY A 411 -6.76 -1.98 19.96
CA GLY A 411 -8.04 -2.47 20.44
C GLY A 411 -9.17 -2.05 19.52
N VAL A 412 -9.02 -0.90 18.84
CA VAL A 412 -10.03 -0.34 17.94
C VAL A 412 -10.15 -1.11 16.60
N TYR A 413 -11.40 -1.33 16.15
CA TYR A 413 -11.71 -1.96 14.88
C TYR A 413 -12.41 -1.00 13.94
N VAL A 414 -12.05 -1.08 12.66
CA VAL A 414 -12.51 -0.22 11.57
C VAL A 414 -13.77 -0.83 10.93
N PRO A 415 -14.88 -0.08 10.81
CA PRO A 415 -16.09 -0.66 10.20
C PRO A 415 -15.95 -0.94 8.70
N PRO A 416 -16.70 -1.92 8.12
CA PRO A 416 -16.59 -2.17 6.68
C PRO A 416 -17.01 -0.99 5.80
N ARG A 417 -18.07 -0.23 6.15
CA ARG A 417 -18.48 0.88 5.30
C ARG A 417 -17.53 2.08 5.43
N ARG A 418 -16.63 2.04 6.41
CA ARG A 418 -15.57 3.03 6.55
C ARG A 418 -14.45 2.59 5.56
N GLN A 419 -14.17 1.27 5.54
CA GLN A 419 -13.19 0.64 4.66
C GLN A 419 -13.60 0.89 3.20
N GLN A 420 -14.90 0.94 2.92
CA GLN A 420 -15.36 1.27 1.59
C GLN A 420 -15.86 2.70 1.58
N LEU A 421 -14.87 3.57 1.68
CA LEU A 421 -14.82 5.02 1.64
C LEU A 421 -14.94 5.43 0.15
N CYS A 422 -15.62 6.52 -0.21
CA CYS A 422 -15.65 6.86 -1.64
C CYS A 422 -14.67 8.00 -1.97
N LEU A 423 -13.64 8.14 -1.13
CA LEU A 423 -12.60 9.16 -1.29
C LEU A 423 -11.49 8.82 -2.30
N TYR A 424 -11.84 8.11 -3.38
CA TYR A 424 -10.89 7.71 -4.41
C TYR A 424 -10.44 8.87 -5.27
N GLU A 425 -11.41 9.69 -5.76
CA GLU A 425 -11.17 10.87 -6.60
C GLU A 425 -10.18 11.85 -5.96
N LEU A 426 -10.12 11.89 -4.62
CA LEU A 426 -9.26 12.76 -3.80
C LEU A 426 -7.74 12.49 -3.93
N PHE A 427 -7.39 11.23 -4.20
CA PHE A 427 -6.00 10.80 -4.35
C PHE A 427 -5.33 11.41 -5.62
N PRO A 428 -5.86 11.27 -6.87
CA PRO A 428 -5.18 11.88 -8.01
C PRO A 428 -5.09 13.42 -7.97
N ILE A 429 -6.14 14.09 -7.42
CA ILE A 429 -6.19 15.55 -7.34
C ILE A 429 -5.14 16.09 -6.35
N ILE A 430 -4.84 15.34 -5.27
CA ILE A 430 -3.85 15.72 -4.25
C ILE A 430 -2.43 15.60 -4.83
N ILE A 431 -2.24 14.62 -5.72
CA ILE A 431 -1.02 14.35 -6.44
C ILE A 431 -0.79 15.51 -7.42
N LYS A 432 -1.89 15.97 -8.10
CA LYS A 432 -1.89 17.08 -9.06
C LYS A 432 -1.25 18.32 -8.49
N ASN A 433 -1.87 18.88 -7.44
CA ASN A 433 -1.44 20.11 -6.77
C ASN A 433 -0.34 19.85 -5.75
N GLU A 434 0.91 20.14 -6.16
CA GLU A 434 2.12 19.98 -5.34
C GLU A 434 2.30 21.23 -4.45
N GLU A 435 2.15 22.42 -5.05
CA GLU A 435 2.18 23.68 -4.32
C GLU A 435 0.76 23.86 -3.70
N GLY A 436 0.65 23.54 -2.41
CA GLY A 436 -0.59 23.61 -1.65
C GLY A 436 -1.12 25.02 -1.39
N MET A 437 -1.26 25.85 -2.45
CA MET A 437 -1.79 27.21 -2.36
C MET A 437 -3.34 27.17 -2.47
N GLU A 438 -3.99 28.29 -2.86
CA GLU A 438 -5.45 28.35 -2.95
C GLU A 438 -6.04 27.29 -3.85
N LYS A 439 -5.51 27.15 -5.11
CA LYS A 439 -5.94 26.15 -6.10
C LYS A 439 -5.99 24.71 -5.55
N ALA A 440 -4.98 24.33 -4.71
CA ALA A 440 -4.91 23.02 -4.08
C ALA A 440 -6.15 22.76 -3.24
N LYS A 441 -6.48 23.71 -2.34
CA LYS A 441 -7.63 23.68 -1.42
C LYS A 441 -8.94 24.03 -2.13
N GLU A 442 -8.84 24.68 -3.31
CA GLU A 442 -9.96 25.05 -4.15
C GLU A 442 -10.46 23.76 -4.80
N GLU A 443 -9.52 23.07 -5.51
CA GLU A 443 -9.77 21.82 -6.21
C GLU A 443 -10.15 20.69 -5.29
N LEU A 444 -9.63 20.69 -4.03
CA LEU A 444 -9.94 19.68 -3.02
C LEU A 444 -11.40 19.81 -2.56
N LEU A 445 -11.89 21.05 -2.44
CA LEU A 445 -13.25 21.39 -1.99
C LEU A 445 -14.36 20.87 -2.94
N GLU A 446 -14.18 21.06 -4.24
CA GLU A 446 -15.16 20.63 -5.25
C GLU A 446 -15.11 19.09 -5.38
N THR A 447 -13.88 18.51 -5.23
CA THR A 447 -13.63 17.06 -5.27
C THR A 447 -14.25 16.39 -4.02
N LEU A 448 -14.25 17.11 -2.87
CA LEU A 448 -14.85 16.65 -1.62
C LEU A 448 -16.32 16.49 -1.82
N GLN A 449 -16.95 17.48 -2.47
CA GLN A 449 -18.38 17.52 -2.75
C GLN A 449 -18.82 16.34 -3.64
N ILE A 450 -18.02 16.03 -4.69
CA ILE A 450 -18.22 14.89 -5.59
C ILE A 450 -18.12 13.58 -4.75
N VAL A 451 -16.99 13.39 -4.03
CA VAL A 451 -16.73 12.25 -3.16
C VAL A 451 -17.92 12.03 -2.23
N ALA A 452 -18.40 13.14 -1.61
CA ALA A 452 -19.54 13.20 -0.69
C ALA A 452 -20.85 12.75 -1.39
N GLU A 453 -21.14 13.31 -2.60
CA GLU A 453 -22.33 12.97 -3.38
C GLU A 453 -22.37 11.49 -3.67
N ARG A 454 -21.32 10.95 -4.35
CA ARG A 454 -21.20 9.54 -4.77
C ARG A 454 -21.38 8.52 -3.62
N GLU A 455 -20.75 8.79 -2.45
CA GLU A 455 -20.79 7.92 -1.27
C GLU A 455 -22.21 7.74 -0.77
N ALA A 456 -22.90 8.87 -0.60
CA ALA A 456 -24.28 9.01 -0.17
C ALA A 456 -25.18 8.32 -1.16
N TYR A 457 -24.88 8.45 -2.47
CA TYR A 457 -25.67 7.85 -3.53
C TYR A 457 -25.63 6.35 -3.38
N TYR A 458 -24.41 5.82 -3.31
CA TYR A 458 -24.12 4.40 -3.22
C TYR A 458 -24.56 3.74 -1.93
N LEU A 459 -24.45 4.47 -0.79
CA LEU A 459 -24.90 3.95 0.50
C LEU A 459 -26.38 3.69 0.47
N TRP A 460 -27.18 4.64 -0.09
CA TRP A 460 -28.64 4.46 -0.17
C TRP A 460 -29.00 3.18 -0.91
N LYS A 461 -28.33 2.94 -2.04
CA LYS A 461 -28.45 1.76 -2.90
C LYS A 461 -28.01 0.48 -2.16
N GLN A 462 -27.30 0.60 -1.02
CA GLN A 462 -26.80 -0.54 -0.23
C GLN A 462 -27.71 -0.82 0.96
N TYR A 463 -28.07 0.24 1.69
CA TYR A 463 -28.84 0.18 2.92
C TYR A 463 -30.35 0.22 2.75
N ASN A 464 -30.87 0.88 1.69
CA ASN A 464 -32.32 0.86 1.48
C ASN A 464 -32.79 -0.55 1.13
N PRO A 465 -32.15 -1.28 0.17
CA PRO A 465 -32.55 -2.68 -0.08
C PRO A 465 -32.26 -3.64 1.10
N THR A 466 -31.64 -3.14 2.18
CA THR A 466 -31.26 -3.89 3.37
C THR A 466 -32.32 -3.79 4.48
N GLY A 467 -33.04 -2.67 4.49
CA GLY A 467 -34.06 -2.36 5.50
C GLY A 467 -35.36 -3.13 5.45
N LYS A 468 -35.95 -3.29 6.64
CA LYS A 468 -37.21 -3.99 6.88
C LYS A 468 -38.41 -3.23 6.28
N GLY A 469 -38.88 -2.17 6.96
CA GLY A 469 -39.96 -1.31 6.49
C GLY A 469 -39.43 -0.26 5.54
N ILE A 470 -40.28 0.60 4.97
CA ILE A 470 -39.77 1.66 4.09
C ILE A 470 -39.30 2.84 4.96
N ASP A 471 -40.15 3.26 5.94
CA ASP A 471 -39.84 4.34 6.90
C ASP A 471 -38.77 3.88 7.92
N ASP A 472 -38.26 2.62 7.75
CA ASP A 472 -37.20 1.96 8.51
C ASP A 472 -35.98 1.69 7.61
N ALA A 473 -36.19 1.40 6.31
CA ALA A 473 -35.10 1.14 5.37
C ALA A 473 -34.25 2.39 5.19
N ASN A 474 -34.89 3.54 4.95
CA ASN A 474 -34.13 4.78 4.82
C ASN A 474 -33.70 5.31 6.19
N LYS A 475 -34.41 4.93 7.29
CA LYS A 475 -34.01 5.33 8.65
C LYS A 475 -32.66 4.67 8.99
N LYS A 476 -32.42 3.44 8.43
CA LYS A 476 -31.20 2.64 8.55
C LYS A 476 -30.13 3.21 7.61
N ALA A 477 -30.59 3.82 6.49
CA ALA A 477 -29.73 4.40 5.47
C ALA A 477 -29.23 5.78 5.84
N CYS A 478 -30.05 6.58 6.54
CA CYS A 478 -29.73 7.95 6.93
C CYS A 478 -28.58 8.03 7.96
N CYS A 479 -28.23 6.88 8.55
CA CYS A 479 -27.20 6.76 9.57
C CYS A 479 -25.86 6.35 9.06
N ALA A 480 -25.84 5.49 8.03
CA ALA A 480 -24.62 5.05 7.36
C ALA A 480 -24.06 6.30 6.69
N ILE A 481 -24.98 7.16 6.18
CA ILE A 481 -24.70 8.43 5.52
C ILE A 481 -24.11 9.42 6.51
N ARG A 482 -24.75 9.60 7.66
CA ARG A 482 -24.26 10.47 8.73
C ARG A 482 -22.89 9.96 9.23
N GLY A 483 -22.77 8.64 9.37
CA GLY A 483 -21.54 8.00 9.81
C GLY A 483 -20.41 8.45 8.93
N SER A 484 -20.54 8.18 7.61
CA SER A 484 -19.59 8.52 6.56
C SER A 484 -19.37 10.02 6.45
N PHE A 485 -20.40 10.84 6.63
CA PHE A 485 -20.27 12.31 6.62
C PHE A 485 -19.26 12.71 7.71
N TYR A 486 -19.47 12.17 8.94
CA TYR A 486 -18.62 12.40 10.12
C TYR A 486 -17.22 11.83 9.88
N ASP A 487 -17.12 10.62 9.29
CA ASP A 487 -15.84 9.97 9.01
C ASP A 487 -15.05 10.75 7.96
N LEU A 488 -15.75 11.26 6.94
CA LEU A 488 -15.20 12.09 5.89
C LEU A 488 -14.67 13.39 6.52
N GLU A 489 -15.43 13.90 7.52
CA GLU A 489 -15.13 15.12 8.28
C GLU A 489 -13.85 14.93 9.10
N ASP A 490 -13.81 13.83 9.88
CA ASP A 490 -12.68 13.46 10.71
C ASP A 490 -11.43 13.27 9.85
N ILE A 491 -11.56 12.74 8.62
CA ILE A 491 -10.43 12.59 7.68
C ILE A 491 -9.75 13.94 7.36
N ILE A 492 -10.58 14.96 6.97
CA ILE A 492 -10.13 16.31 6.61
C ILE A 492 -9.57 17.04 7.81
N LYS A 493 -10.30 17.02 8.94
CA LYS A 493 -9.89 17.62 10.22
C LYS A 493 -8.60 16.96 10.74
N GLY A 494 -8.24 15.80 10.18
CA GLY A 494 -7.08 15.00 10.55
C GLY A 494 -7.25 14.27 11.87
N ASN A 495 -8.53 14.04 12.24
CA ASN A 495 -9.02 13.39 13.47
C ASN A 495 -9.32 11.92 13.30
N ASP A 496 -9.28 11.43 12.06
CA ASP A 496 -9.57 10.05 11.77
C ASP A 496 -8.51 9.12 12.37
N LEU A 497 -8.92 7.89 12.68
CA LEU A 497 -8.12 6.85 13.33
C LEU A 497 -7.61 5.76 12.37
N VAL A 498 -7.61 6.02 11.06
CA VAL A 498 -7.10 5.03 10.10
C VAL A 498 -6.44 5.75 8.92
N HIS A 499 -5.16 5.43 8.72
CA HIS A 499 -4.27 5.89 7.66
C HIS A 499 -4.00 4.71 6.71
N ASP A 500 -5.00 4.45 5.83
CA ASP A 500 -5.00 3.33 4.88
C ASP A 500 -4.20 3.59 3.56
N GLU A 501 -4.50 2.80 2.51
CA GLU A 501 -3.89 2.90 1.19
C GLU A 501 -4.14 4.30 0.57
N TYR A 502 -5.17 4.99 1.08
CA TYR A 502 -5.59 6.30 0.62
C TYR A 502 -5.35 7.42 1.68
N THR A 503 -6.07 7.32 2.82
CA THR A 503 -6.04 8.33 3.88
C THR A 503 -4.62 8.63 4.44
N LYS A 504 -3.64 7.69 4.33
CA LYS A 504 -2.30 8.00 4.85
C LYS A 504 -1.66 9.20 4.16
N TYR A 505 -1.59 9.16 2.81
CA TYR A 505 -1.00 10.22 2.00
C TYR A 505 -1.86 11.47 2.02
N ILE A 506 -3.17 11.28 2.18
CA ILE A 506 -4.11 12.40 2.27
C ILE A 506 -3.82 13.21 3.57
N ASP A 507 -3.56 12.54 4.71
CA ASP A 507 -3.22 13.24 5.97
C ASP A 507 -1.93 14.07 5.80
N SER A 508 -0.87 13.43 5.22
CA SER A 508 0.46 14.00 4.93
C SER A 508 0.35 15.23 4.04
N LYS A 509 -0.46 15.14 2.95
CA LYS A 509 -0.64 16.24 2.00
C LYS A 509 -1.49 17.38 2.60
N LEU A 510 -2.50 17.04 3.42
CA LEU A 510 -3.30 18.10 4.02
C LEU A 510 -2.49 18.88 5.03
N ASN A 511 -1.59 18.20 5.76
CA ASN A 511 -0.68 18.84 6.69
C ASN A 511 0.29 19.76 5.92
N GLU A 512 0.65 19.37 4.67
CA GLU A 512 1.52 20.15 3.77
C GLU A 512 0.73 21.38 3.36
N ILE A 513 -0.43 21.15 2.68
CA ILE A 513 -1.37 22.17 2.17
C ILE A 513 -1.77 23.20 3.24
N PHE A 514 -2.07 22.76 4.49
CA PHE A 514 -2.54 23.65 5.57
C PHE A 514 -1.49 24.18 6.55
N GLY A 515 -0.55 23.35 7.00
CA GLY A 515 0.48 23.80 7.93
C GLY A 515 1.84 24.02 7.30
N SER A 516 2.58 25.03 7.80
CA SER A 516 3.95 25.32 7.39
C SER A 516 4.89 24.68 8.44
N SER A 517 6.22 24.76 8.22
CA SER A 517 7.19 24.25 9.20
C SER A 517 7.20 25.19 10.42
N ASP A 518 7.13 26.53 10.16
CA ASP A 518 7.08 27.64 11.12
C ASP A 518 5.95 27.47 12.16
N THR A 519 4.78 26.92 11.73
CA THR A 519 3.60 26.65 12.57
C THR A 519 3.55 25.17 12.94
N ASN A 520 3.56 24.87 14.26
CA ASN A 520 3.50 23.52 14.80
C ASN A 520 2.23 22.77 14.40
N ASP A 521 2.18 21.46 14.70
CA ASP A 521 1.02 20.61 14.38
C ASP A 521 -0.28 21.20 14.96
N ILE A 522 -0.19 21.83 16.16
CA ILE A 522 -1.30 22.45 16.88
C ILE A 522 -2.09 23.47 16.02
N ASP A 523 -1.38 24.31 15.24
CA ASP A 523 -1.98 25.32 14.36
C ASP A 523 -2.47 24.64 13.10
N THR A 524 -1.77 23.57 12.67
CA THR A 524 -2.08 22.79 11.49
C THR A 524 -3.40 22.03 11.68
N LYS A 525 -3.62 21.43 12.86
CA LYS A 525 -4.85 20.73 13.19
C LYS A 525 -5.98 21.73 13.08
N ARG A 526 -5.79 22.91 13.75
CA ARG A 526 -6.70 24.05 13.75
C ARG A 526 -6.85 24.72 12.38
N ALA A 527 -5.92 24.48 11.43
CA ALA A 527 -6.00 25.02 10.07
C ALA A 527 -7.02 24.22 9.24
N ARG A 528 -6.96 22.88 9.36
CA ARG A 528 -7.84 21.93 8.68
C ARG A 528 -9.27 22.04 9.24
N THR A 529 -9.39 22.07 10.58
CA THR A 529 -10.66 22.19 11.30
C THR A 529 -11.34 23.51 10.95
N ASP A 530 -10.53 24.58 10.76
CA ASP A 530 -11.06 25.89 10.42
C ASP A 530 -11.56 25.93 8.99
N TRP A 531 -10.77 25.40 8.03
CA TRP A 531 -11.13 25.33 6.60
C TRP A 531 -12.50 24.65 6.39
N TRP A 532 -12.71 23.53 7.08
CA TRP A 532 -13.92 22.76 7.07
C TRP A 532 -15.08 23.49 7.74
N GLU A 533 -14.90 23.89 9.02
CA GLU A 533 -15.95 24.52 9.83
C GLU A 533 -16.50 25.86 9.30
N ASN A 534 -15.70 26.67 8.57
CA ASN A 534 -16.19 27.97 8.07
C ASN A 534 -16.09 28.13 6.55
N GLU A 535 -16.14 29.41 6.08
CA GLU A 535 -16.01 29.86 4.69
C GLU A 535 -15.75 31.37 4.64
N PRO A 541 -19.98 35.82 -1.64
CA PRO A 541 -20.25 34.57 -2.37
C PRO A 541 -21.61 33.93 -2.04
N ASP A 542 -21.69 33.23 -0.89
CA ASP A 542 -22.87 32.54 -0.34
C ASP A 542 -22.68 32.42 1.18
N ARG A 543 -23.71 31.98 1.93
CA ARG A 543 -23.60 31.87 3.39
C ARG A 543 -23.02 30.50 3.85
N LYS A 544 -22.98 29.51 2.92
CA LYS A 544 -22.53 28.13 3.16
C LYS A 544 -21.03 27.98 3.45
N THR A 545 -20.75 27.06 4.37
CA THR A 545 -19.46 26.62 4.89
C THR A 545 -19.00 25.33 4.14
N ILE A 546 -17.74 24.91 4.37
CA ILE A 546 -17.20 23.70 3.74
C ILE A 546 -17.85 22.42 4.34
N ARG A 547 -18.20 22.44 5.65
CA ARG A 547 -18.89 21.33 6.32
C ARG A 547 -20.30 21.23 5.73
N GLN A 548 -20.92 22.41 5.45
CA GLN A 548 -22.27 22.50 4.87
C GLN A 548 -22.35 22.08 3.40
N LEU A 549 -21.41 22.57 2.57
CA LEU A 549 -21.40 22.22 1.16
C LEU A 549 -21.22 20.72 0.95
N VAL A 550 -20.49 20.05 1.86
CA VAL A 550 -20.28 18.60 1.83
C VAL A 550 -21.59 17.90 2.22
N TRP A 551 -22.37 18.45 3.22
CA TRP A 551 -23.65 17.86 3.62
C TRP A 551 -24.74 18.03 2.57
N ASP A 552 -24.80 19.25 1.96
CA ASP A 552 -25.72 19.59 0.86
C ASP A 552 -25.50 18.60 -0.27
N ALA A 553 -24.21 18.38 -0.63
CA ALA A 553 -23.76 17.44 -1.66
C ALA A 553 -24.18 16.00 -1.39
N MET A 554 -24.32 15.62 -0.11
CA MET A 554 -24.73 14.28 0.25
C MET A 554 -26.22 14.06 0.04
N GLN A 555 -27.03 15.13 0.22
CA GLN A 555 -28.48 15.10 0.01
C GLN A 555 -28.77 14.90 -1.49
N SER A 556 -27.93 15.54 -2.35
CA SER A 556 -28.01 15.47 -3.80
C SER A 556 -27.87 14.02 -4.30
N GLY A 557 -26.96 13.26 -3.68
CA GLY A 557 -26.69 11.87 -4.00
C GLY A 557 -27.84 10.96 -3.65
N VAL A 558 -28.48 11.23 -2.50
CA VAL A 558 -29.65 10.46 -2.05
C VAL A 558 -30.85 10.86 -2.94
N ARG A 559 -30.94 12.15 -3.33
CA ARG A 559 -32.00 12.65 -4.22
C ARG A 559 -31.99 11.90 -5.56
N TYR A 560 -30.81 11.69 -6.19
CA TYR A 560 -30.68 10.94 -7.45
C TYR A 560 -31.00 9.45 -7.24
N ALA A 561 -30.61 8.90 -6.08
CA ALA A 561 -30.80 7.49 -5.73
C ALA A 561 -32.28 7.18 -5.57
N VAL A 562 -32.99 8.04 -4.86
CA VAL A 562 -34.41 7.90 -4.58
C VAL A 562 -35.28 8.23 -5.84
N GLU A 563 -34.77 9.11 -6.73
CA GLU A 563 -35.40 9.53 -7.99
C GLU A 563 -35.42 8.33 -8.96
N GLU A 564 -34.28 7.58 -9.04
CA GLU A 564 -34.09 6.35 -9.83
C GLU A 564 -35.19 5.33 -9.55
N LYS A 565 -35.54 5.14 -8.26
CA LYS A 565 -36.56 4.22 -7.78
C LYS A 565 -37.95 4.90 -7.70
N ASN A 566 -38.02 6.20 -8.10
CA ASN A 566 -39.22 7.04 -8.05
C ASN A 566 -39.89 7.05 -6.65
N GLU A 567 -39.06 6.94 -5.59
CA GLU A 567 -39.46 6.93 -4.19
C GLU A 567 -39.38 8.36 -3.66
N ASN A 568 -39.92 8.62 -2.46
CA ASN A 568 -39.87 9.95 -1.87
C ASN A 568 -38.57 10.13 -1.07
N PHE A 569 -37.99 11.34 -1.15
CA PHE A 569 -36.78 11.78 -0.41
C PHE A 569 -37.10 11.74 1.11
N PRO A 570 -36.31 11.03 1.96
CA PRO A 570 -36.67 10.91 3.38
C PRO A 570 -36.48 12.16 4.23
N LEU A 571 -37.26 12.29 5.34
CA LEU A 571 -37.22 13.40 6.29
C LEU A 571 -35.87 13.41 7.04
N CYS A 572 -35.36 12.21 7.38
CA CYS A 572 -34.06 11.99 8.04
C CYS A 572 -32.88 12.55 7.26
N MET A 573 -33.06 12.75 5.93
CA MET A 573 -32.05 13.30 5.02
C MET A 573 -32.21 14.80 4.77
N GLY A 574 -33.43 15.30 4.90
CA GLY A 574 -33.76 16.71 4.69
C GLY A 574 -33.63 17.54 5.95
N VAL A 575 -32.38 17.84 6.34
CA VAL A 575 -32.06 18.63 7.52
C VAL A 575 -30.85 19.47 7.13
N GLU A 576 -31.02 20.80 7.03
CA GLU A 576 -29.98 21.78 6.67
C GLU A 576 -28.70 21.55 7.47
N HIS A 577 -28.86 21.11 8.75
CA HIS A 577 -27.76 20.83 9.66
C HIS A 577 -27.73 19.37 10.18
N ILE A 578 -26.52 18.94 10.50
CA ILE A 578 -26.16 17.63 11.06
C ILE A 578 -25.48 17.96 12.40
N GLY A 579 -25.97 17.33 13.46
CA GLY A 579 -25.46 17.51 14.81
C GLY A 579 -23.97 17.30 14.90
N ILE A 580 -23.32 17.96 15.87
CA ILE A 580 -21.87 17.83 16.06
C ILE A 580 -21.55 16.36 16.29
N ALA A 581 -20.62 15.84 15.48
CA ALA A 581 -20.15 14.45 15.52
C ALA A 581 -19.67 14.07 16.91
N LYS A 582 -19.94 12.84 17.31
CA LYS A 582 -19.48 12.22 18.55
C LYS A 582 -18.00 11.79 18.28
N PRO A 583 -17.18 11.46 19.30
CA PRO A 583 -15.82 10.99 18.99
C PRO A 583 -15.90 9.70 18.15
N GLN A 584 -15.10 9.64 17.07
CA GLN A 584 -15.09 8.53 16.12
C GLN A 584 -15.11 7.15 16.74
N PHE A 585 -14.30 6.93 17.82
CA PHE A 585 -14.26 5.64 18.50
C PHE A 585 -15.65 5.26 18.94
N ILE A 586 -16.30 6.14 19.72
CA ILE A 586 -17.65 5.94 20.26
C ILE A 586 -18.68 5.78 19.14
N ARG A 587 -18.50 6.52 17.99
CA ARG A 587 -19.42 6.40 16.88
C ARG A 587 -19.33 4.98 16.36
N TRP A 588 -18.10 4.54 16.05
CA TRP A 588 -17.79 3.22 15.53
C TRP A 588 -18.19 2.11 16.52
N LEU A 589 -18.12 2.39 17.85
CA LEU A 589 -18.50 1.39 18.86
C LEU A 589 -20.00 1.10 18.79
N GLU A 590 -20.81 2.15 18.49
CA GLU A 590 -22.25 2.05 18.31
C GLU A 590 -22.57 1.25 17.04
N GLU A 591 -21.81 1.52 15.95
CA GLU A 591 -21.94 0.81 14.67
C GLU A 591 -21.73 -0.70 14.85
N TRP A 592 -20.70 -1.07 15.65
CA TRP A 592 -20.33 -2.45 15.98
C TRP A 592 -21.44 -3.18 16.71
N THR A 593 -22.02 -2.51 17.71
CA THR A 593 -23.09 -2.99 18.57
C THR A 593 -24.40 -3.16 17.78
N ASN A 594 -24.82 -2.14 17.02
CA ASN A 594 -26.04 -2.24 16.23
C ASN A 594 -25.99 -3.47 15.35
N GLU A 595 -24.85 -3.68 14.64
CA GLU A 595 -24.57 -4.78 13.72
C GLU A 595 -24.63 -6.13 14.42
N PHE A 596 -23.87 -6.27 15.52
CA PHE A 596 -23.83 -7.48 16.32
C PHE A 596 -25.25 -7.89 16.68
N CYS A 597 -25.99 -7.03 17.37
CA CYS A 597 -27.37 -7.23 17.76
C CYS A 597 -28.23 -7.84 16.65
N GLU A 598 -28.17 -7.29 15.44
CA GLU A 598 -28.93 -7.77 14.30
C GLU A 598 -28.48 -9.15 13.85
N LYS A 599 -27.16 -9.33 13.66
CA LYS A 599 -26.53 -10.59 13.24
C LYS A 599 -26.64 -11.71 14.30
N TYR A 600 -26.76 -11.37 15.60
CA TYR A 600 -26.91 -12.35 16.68
C TYR A 600 -28.31 -12.96 16.63
N THR A 601 -29.33 -12.08 16.67
CA THR A 601 -30.75 -12.42 16.61
C THR A 601 -31.06 -13.11 15.27
N LYS A 602 -30.14 -12.99 14.31
CA LYS A 602 -30.27 -13.69 13.05
C LYS A 602 -29.79 -15.13 13.27
N TYR A 603 -28.48 -15.31 13.58
CA TYR A 603 -27.81 -16.59 13.81
C TYR A 603 -28.45 -17.40 14.91
N PHE A 604 -28.38 -16.95 16.17
CA PHE A 604 -28.94 -17.61 17.36
C PHE A 604 -30.39 -18.07 17.18
N GLU A 605 -31.24 -17.19 16.62
CA GLU A 605 -32.65 -17.48 16.35
C GLU A 605 -32.80 -18.57 15.27
N ASP A 606 -32.11 -18.43 14.10
CA ASP A 606 -32.15 -19.41 12.99
C ASP A 606 -31.40 -20.74 13.30
N MET A 607 -30.77 -20.82 14.48
CA MET A 607 -30.04 -21.98 15.01
C MET A 607 -31.00 -22.68 15.96
N LYS A 608 -31.56 -21.91 16.93
CA LYS A 608 -32.55 -22.40 17.90
C LYS A 608 -33.77 -22.95 17.18
N SER A 609 -34.22 -22.25 16.10
CA SER A 609 -35.36 -22.65 15.24
C SER A 609 -35.08 -24.03 14.66
N LYS A 610 -33.82 -24.26 14.20
CA LYS A 610 -33.34 -25.52 13.63
C LYS A 610 -32.94 -26.56 14.72
N CYS A 611 -33.27 -26.29 16.01
CA CYS A 611 -32.98 -27.17 17.16
C CYS A 611 -34.26 -27.61 17.89
N ILE A 626 -26.50 -34.25 14.19
CA ILE A 626 -27.79 -33.59 13.94
C ILE A 626 -27.60 -32.39 12.98
N GLU A 627 -28.72 -31.81 12.45
CA GLU A 627 -28.72 -30.63 11.57
C GLU A 627 -28.23 -29.35 12.31
N CYS A 628 -28.39 -29.32 13.66
CA CYS A 628 -27.93 -28.24 14.54
C CYS A 628 -26.43 -28.08 14.48
N LYS A 629 -25.69 -29.21 14.37
CA LYS A 629 -24.22 -29.23 14.29
C LYS A 629 -23.64 -28.31 13.22
N LYS A 630 -24.38 -28.12 12.11
CA LYS A 630 -24.00 -27.25 10.98
C LYS A 630 -24.41 -25.80 11.23
N ALA A 631 -25.52 -25.59 11.99
CA ALA A 631 -26.01 -24.27 12.38
C ALA A 631 -25.07 -23.70 13.46
N CYS A 632 -24.65 -24.56 14.41
CA CYS A 632 -23.73 -24.28 15.52
C CYS A 632 -22.39 -23.90 14.96
N ALA A 633 -21.91 -24.63 13.93
CA ALA A 633 -20.63 -24.37 13.27
C ALA A 633 -20.60 -22.98 12.64
N ASN A 634 -21.74 -22.54 12.05
CA ASN A 634 -21.88 -21.24 11.42
C ASN A 634 -21.97 -20.12 12.43
N TYR A 635 -22.90 -20.24 13.43
CA TYR A 635 -23.09 -19.27 14.51
C TYR A 635 -21.77 -19.00 15.21
N ALA A 636 -21.08 -20.08 15.65
CA ALA A 636 -19.79 -19.98 16.31
C ALA A 636 -18.70 -19.48 15.39
N ASN A 637 -18.76 -19.79 14.09
CA ASN A 637 -17.77 -19.31 13.11
C ASN A 637 -17.82 -17.77 13.02
N TRP A 638 -19.04 -17.20 13.14
CA TRP A 638 -19.31 -15.76 13.12
C TRP A 638 -18.87 -15.11 14.44
N LEU A 639 -19.33 -15.67 15.55
CA LEU A 639 -19.10 -15.21 16.91
C LEU A 639 -17.63 -15.20 17.37
N ASN A 640 -16.79 -16.11 16.90
CA ASN A 640 -15.40 -16.17 17.36
C ASN A 640 -14.70 -14.83 17.08
N PRO A 641 -14.66 -14.28 15.83
CA PRO A 641 -14.03 -12.95 15.64
C PRO A 641 -14.75 -11.79 16.34
N LYS A 642 -16.00 -12.01 16.77
CA LYS A 642 -16.75 -11.00 17.51
C LYS A 642 -16.17 -10.88 18.92
N ARG A 643 -15.88 -12.02 19.59
CA ARG A 643 -15.27 -12.09 20.92
C ARG A 643 -13.94 -11.33 20.91
N ILE A 644 -13.12 -11.50 19.85
CA ILE A 644 -11.83 -10.83 19.70
C ILE A 644 -12.06 -9.33 19.63
N GLU A 645 -13.00 -8.90 18.74
CA GLU A 645 -13.40 -7.50 18.49
C GLU A 645 -14.00 -6.82 19.71
N TRP A 646 -14.94 -7.50 20.43
CA TRP A 646 -15.59 -6.97 21.62
C TRP A 646 -14.55 -6.71 22.71
N ASN A 647 -13.68 -7.69 23.02
CA ASN A 647 -12.63 -7.48 24.01
C ASN A 647 -11.83 -6.19 23.70
N GLY A 648 -11.30 -6.08 22.47
CA GLY A 648 -10.53 -4.93 22.02
C GLY A 648 -11.25 -3.60 22.12
N MET A 649 -12.50 -3.57 21.58
CA MET A 649 -13.37 -2.39 21.53
C MET A 649 -13.80 -1.94 22.91
N SER A 650 -14.30 -2.87 23.75
CA SER A 650 -14.75 -2.57 25.11
C SER A 650 -13.56 -2.24 26.05
N ASN A 651 -12.35 -2.77 25.74
CA ASN A 651 -11.11 -2.47 26.47
C ASN A 651 -10.69 -1.04 26.21
N TYR A 652 -10.80 -0.58 24.95
CA TYR A 652 -10.43 0.79 24.58
C TYR A 652 -11.32 1.74 25.33
N TYR A 653 -12.66 1.53 25.28
CA TYR A 653 -13.61 2.35 26.01
C TYR A 653 -13.12 2.65 27.41
N ASN A 654 -12.77 1.61 28.18
CA ASN A 654 -12.29 1.70 29.57
C ASN A 654 -10.95 2.41 29.70
N LYS A 655 -10.01 2.16 28.77
CA LYS A 655 -8.72 2.85 28.75
C LYS A 655 -8.95 4.36 28.59
N ILE A 656 -9.77 4.76 27.60
CA ILE A 656 -10.04 6.17 27.33
C ILE A 656 -10.98 6.82 28.39
N TYR A 657 -11.89 6.05 29.02
CA TYR A 657 -12.77 6.58 30.09
C TYR A 657 -12.48 5.87 31.42
N ARG A 658 -13.42 4.99 31.87
CA ARG A 658 -13.50 4.16 33.09
C ARG A 658 -12.21 3.91 33.94
N LYS A 659 -11.05 3.64 33.31
CA LYS A 659 -9.78 3.36 34.01
C LYS A 659 -8.85 4.55 34.10
N SER A 660 -8.17 4.69 35.27
CA SER A 660 -7.19 5.73 35.68
C SER A 660 -6.66 6.66 34.58
N MET A 672 -14.23 4.35 37.45
CA MET A 672 -13.55 5.57 37.83
C MET A 672 -13.69 6.69 36.76
N ILE A 673 -13.36 7.95 37.18
CA ILE A 673 -13.35 9.20 36.38
C ILE A 673 -14.78 9.50 35.80
N MET A 674 -15.80 9.57 36.70
CA MET A 674 -17.22 9.87 36.41
C MET A 674 -17.69 9.44 35.00
N ALA A 675 -17.52 8.13 34.69
CA ALA A 675 -17.85 7.50 33.40
C ALA A 675 -18.62 6.20 33.62
N PRO A 676 -19.70 5.91 32.85
CA PRO A 676 -20.43 4.64 33.07
C PRO A 676 -19.71 3.43 32.47
N THR A 677 -20.31 2.22 32.55
CA THR A 677 -19.66 1.04 31.96
C THR A 677 -19.95 1.00 30.44
N VAL A 678 -19.18 0.15 29.69
CA VAL A 678 -19.30 -0.01 28.22
C VAL A 678 -20.74 -0.43 27.90
N ILE A 679 -21.22 -1.47 28.64
CA ILE A 679 -22.57 -2.03 28.56
C ILE A 679 -23.54 -0.90 28.83
N ASP A 680 -23.43 -0.26 30.03
CA ASP A 680 -24.24 0.85 30.52
C ASP A 680 -24.44 1.86 29.43
N TYR A 681 -23.33 2.51 28.97
CA TYR A 681 -23.37 3.48 27.87
C TYR A 681 -24.24 2.96 26.71
N LEU A 682 -23.85 1.81 26.11
CA LEU A 682 -24.56 1.14 25.00
C LEU A 682 -25.99 0.71 25.31
N ASN A 683 -26.35 0.60 26.61
CA ASN A 683 -27.68 0.17 27.01
C ASN A 683 -28.67 1.28 26.75
N LYS A 684 -28.26 2.52 27.07
CA LYS A 684 -29.05 3.74 26.86
C LYS A 684 -29.12 4.01 25.35
N ARG A 685 -27.99 3.82 24.68
CA ARG A 685 -27.78 4.03 23.26
C ARG A 685 -28.53 3.04 22.31
N CYS A 686 -28.85 1.82 22.79
CA CYS A 686 -29.48 0.81 21.93
C CYS A 686 -30.87 0.29 22.39
N HIS A 687 -31.42 0.80 23.53
CA HIS A 687 -32.76 0.40 23.98
C HIS A 687 -33.82 1.05 23.03
N GLY A 688 -34.73 0.23 22.51
CA GLY A 688 -35.77 0.68 21.59
C GLY A 688 -35.35 0.89 20.14
N GLU A 689 -36.33 1.33 19.31
CA GLU A 689 -36.28 1.58 17.86
C GLU A 689 -35.26 2.66 17.43
N ILE A 690 -34.92 2.69 16.12
CA ILE A 690 -33.94 3.61 15.51
C ILE A 690 -34.57 4.92 15.00
N ASN A 691 -33.76 5.99 15.01
CA ASN A 691 -34.09 7.29 14.46
C ASN A 691 -33.08 7.51 13.34
N GLY A 692 -33.44 8.26 12.31
CA GLY A 692 -32.53 8.49 11.19
C GLY A 692 -31.45 9.54 11.45
N ASN A 693 -31.29 9.97 12.71
CA ASN A 693 -30.34 11.01 13.10
C ASN A 693 -29.86 10.86 14.53
N TYR A 694 -28.58 10.52 14.71
CA TYR A 694 -27.85 10.32 15.97
C TYR A 694 -28.45 9.32 16.99
N ILE A 695 -29.63 8.77 16.73
CA ILE A 695 -30.20 7.72 17.57
C ILE A 695 -30.16 6.50 16.66
N CYS A 696 -28.95 5.92 16.51
CA CYS A 696 -28.85 4.84 15.56
C CYS A 696 -28.16 3.54 16.03
N CYS A 697 -28.92 2.75 16.81
CA CYS A 697 -28.60 1.46 17.42
C CYS A 697 -29.91 0.87 17.96
N SER A 698 -30.10 -0.47 17.79
CA SER A 698 -31.25 -1.24 18.29
C SER A 698 -30.89 -2.69 18.59
N CYS A 699 -31.42 -3.23 19.70
CA CYS A 699 -31.18 -4.62 20.12
C CYS A 699 -32.46 -5.32 20.60
N LYS A 700 -32.60 -6.64 20.31
CA LYS A 700 -33.73 -7.50 20.72
C LYS A 700 -33.62 -7.81 22.23
N ASN A 701 -32.38 -7.75 22.73
CA ASN A 701 -31.97 -7.97 24.11
C ASN A 701 -30.85 -6.93 24.37
N ILE A 702 -30.98 -6.09 25.42
CA ILE A 702 -29.99 -5.06 25.76
C ILE A 702 -28.62 -5.71 26.09
N GLY A 703 -27.52 -4.96 25.83
CA GLY A 703 -26.13 -5.39 26.02
C GLY A 703 -25.76 -6.07 27.32
N ALA A 704 -26.67 -6.07 28.33
CA ALA A 704 -26.52 -6.66 29.67
C ALA A 704 -26.06 -8.14 29.69
N TYR A 705 -26.40 -8.91 28.63
CA TYR A 705 -26.08 -10.33 28.41
C TYR A 705 -24.76 -10.56 27.57
N GLN A 706 -24.41 -9.58 26.69
CA GLN A 706 -23.31 -9.55 25.70
C GLN A 706 -21.93 -9.89 26.23
N THR A 707 -21.59 -9.47 27.47
CA THR A 707 -20.27 -9.75 28.01
C THR A 707 -20.18 -11.24 28.45
N THR A 708 -21.32 -11.87 28.79
CA THR A 708 -21.36 -13.30 29.17
C THR A 708 -21.33 -14.13 27.89
N SER A 709 -22.03 -13.63 26.85
CA SER A 709 -22.12 -14.22 25.53
C SER A 709 -20.74 -14.22 24.80
N GLY A 710 -20.01 -13.11 24.91
CA GLY A 710 -18.72 -12.93 24.27
C GLY A 710 -17.45 -13.23 25.05
N THR A 711 -17.55 -13.98 26.18
CA THR A 711 -16.35 -14.35 26.96
C THR A 711 -16.29 -15.86 27.28
N VAL A 712 -15.14 -16.51 26.97
CA VAL A 712 -14.81 -17.94 27.18
C VAL A 712 -15.92 -18.88 26.62
#